data_7Y0E
#
_entry.id   7Y0E
#
_cell.length_a   49.157
_cell.length_b   93.537
_cell.length_c   92.350
_cell.angle_alpha   90.00
_cell.angle_beta   100.08
_cell.angle_gamma   90.00
#
_symmetry.space_group_name_H-M   'P 1 21 1'
#
loop_
_entity.id
_entity.type
_entity.pdbx_description
1 polymer 'Transmembrane protease serine 2 catalytic chain'
2 polymer 'Transmembrane protease serine 2 catalytic chain'
3 non-polymer 2-acetamido-2-deoxy-beta-D-glucopyranose
4 non-polymer 'CALCIUM ION'
5 non-polymer '4-carbamimidamidobenzoic acid'
6 non-polymer GLYCEROL
7 water water
#
loop_
_entity_poly.entity_id
_entity_poly.type
_entity_poly.pdbx_seq_one_letter_code
_entity_poly.pdbx_strand_id
1 'polypeptide(L)'
;MGSKCSNSGIECDSSGTCINPSNWCDGVSHCPGGEDENRCVRLYGPNFILQVYSSQRKSWHPVCQDDWNENYGRAACRDM
GYKNNFYSSQGIVDDSGSTSFMKLNTSAGNVDIYKKLYHSDACSSKAVVSLRCIACGVNLNDDDDK
;
A,B
2 'polypeptide(L)'
;IVGGESALPGAWPWQVSLHVQNVHVCGGSIITPEWIVTAAHCVEKPLNNPWHWTAFAGILRQSFMFYGAGYQVEKVISHP
NYDSKTKNNDIALMKLQKPLTFNDLVKPVCLPNPGMMLQPEQLCWISGWGATEEKGKTSEVLNAAKVLLIETQRCNSRYV
YDNLITPAMICAGFLQGNVDSCQGDSGGPLVTSKNNIWWLIGDTSWGSGCAKAYRPGVYGNVMVFTDWIYRQMRADGEFV
EHHHHHHHH
;
C,D
#
loop_
_chem_comp.id
_chem_comp.type
_chem_comp.name
_chem_comp.formula
CA non-polymer 'CALCIUM ION' 'Ca 2'
GBS non-polymer '4-carbamimidamidobenzoic acid' 'C8 H9 N3 O2'
GOL non-polymer GLYCEROL 'C3 H8 O3'
NAG D-saccharide, beta linking 2-acetamido-2-deoxy-beta-D-glucopyranose 'C8 H15 N O6'
#
# COMPACT_ATOMS: atom_id res chain seq x y z
N ASN A 7 10.15 54.48 -9.41
CA ASN A 7 10.58 53.76 -8.22
C ASN A 7 10.17 52.29 -8.29
N SER A 8 11.07 51.45 -8.78
CA SER A 8 10.81 50.01 -8.78
C SER A 8 10.68 49.50 -7.35
N GLY A 9 9.69 48.67 -7.10
CA GLY A 9 9.43 48.22 -5.75
C GLY A 9 8.59 46.96 -5.70
N ILE A 10 8.67 46.27 -4.57
CA ILE A 10 7.88 45.02 -4.36
C ILE A 10 7.19 45.16 -3.00
N GLU A 11 5.96 44.67 -2.87
CA GLU A 11 5.21 44.87 -1.60
C GLU A 11 5.58 43.83 -0.54
N CYS A 12 5.62 44.24 0.74
CA CYS A 12 5.90 43.30 1.85
C CYS A 12 4.57 42.86 2.47
N ASP A 13 3.45 43.43 2.02
CA ASP A 13 2.15 43.14 2.61
C ASP A 13 1.89 41.65 2.82
N CYS A 18 6.44 48.29 0.75
CA CYS A 18 7.07 48.20 -0.60
C CYS A 18 8.60 48.30 -0.46
N ILE A 19 9.32 47.28 -0.91
CA ILE A 19 10.82 47.26 -0.83
C ILE A 19 11.38 47.49 -2.23
N ASN A 20 12.66 47.83 -2.32
CA ASN A 20 13.31 48.00 -3.66
C ASN A 20 13.77 46.63 -4.17
N PRO A 21 13.78 46.40 -5.50
CA PRO A 21 14.13 45.11 -6.07
C PRO A 21 15.42 44.47 -5.51
N SER A 22 16.49 45.24 -5.45
CA SER A 22 17.79 44.71 -4.97
C SER A 22 17.72 44.35 -3.49
N ASN A 23 16.64 44.76 -2.81
CA ASN A 23 16.47 44.42 -1.37
C ASN A 23 15.56 43.19 -1.26
N TRP A 24 15.06 42.69 -2.40
CA TRP A 24 14.28 41.44 -2.36
C TRP A 24 15.24 40.31 -2.65
N CYS A 25 15.34 39.35 -1.74
CA CYS A 25 16.21 38.19 -1.91
C CYS A 25 17.68 38.60 -2.05
N ASP A 26 18.15 39.40 -1.09
CA ASP A 26 19.54 39.80 -1.04
C ASP A 26 20.27 39.31 0.21
N GLY A 27 19.62 38.54 1.06
CA GLY A 27 20.22 38.04 2.28
C GLY A 27 19.99 38.88 3.52
N VAL A 28 19.32 40.03 3.39
CA VAL A 28 19.01 40.90 4.52
C VAL A 28 17.51 41.13 4.54
N SER A 29 16.90 40.94 5.70
CA SER A 29 15.44 41.06 5.82
C SER A 29 15.06 42.53 5.98
N HIS A 30 14.29 43.06 5.03
CA HIS A 30 13.83 44.44 5.08
C HIS A 30 12.36 44.58 5.43
N CYS A 31 11.55 43.49 5.31
CA CYS A 31 10.17 43.57 5.78
C CYS A 31 10.10 43.19 7.26
N PRO A 32 9.09 43.68 7.99
CA PRO A 32 8.97 43.31 9.41
C PRO A 32 8.85 41.81 9.64
N GLY A 33 8.15 41.09 8.76
CA GLY A 33 7.98 39.65 8.87
C GLY A 33 8.96 38.82 8.08
N GLY A 34 9.92 39.44 7.40
CA GLY A 34 10.90 38.70 6.65
C GLY A 34 10.43 38.12 5.33
N GLU A 35 9.33 38.65 4.78
CA GLU A 35 8.80 38.10 3.53
C GLU A 35 9.73 38.35 2.35
N ASP A 36 10.68 39.26 2.47
CA ASP A 36 11.63 39.52 1.40
C ASP A 36 12.75 38.49 1.33
N GLU A 37 12.87 37.60 2.31
CA GLU A 37 13.96 36.63 2.34
C GLU A 37 13.50 35.20 2.59
N ASN A 38 12.19 34.93 2.58
CA ASN A 38 11.69 33.60 2.88
C ASN A 38 10.98 32.93 1.71
N ARG A 39 10.97 33.56 0.53
CA ARG A 39 10.35 32.99 -0.66
C ARG A 39 11.27 33.18 -1.87
N CYS A 40 12.55 32.86 -1.70
CA CYS A 40 13.54 33.06 -2.76
C CYS A 40 13.87 31.79 -3.51
N VAL A 41 13.31 30.65 -3.12
CA VAL A 41 13.55 29.37 -3.78
C VAL A 41 12.19 28.77 -4.15
N ARG A 42 12.11 28.16 -5.33
CA ARG A 42 10.84 27.60 -5.78
C ARG A 42 11.09 26.43 -6.72
N LEU A 43 10.06 25.61 -6.89
CA LEU A 43 10.06 24.49 -7.82
C LEU A 43 9.16 24.86 -8.99
N TYR A 44 9.67 24.68 -10.21
CA TYR A 44 9.00 25.16 -11.40
C TYR A 44 8.54 23.99 -12.27
N GLY A 45 7.28 24.06 -12.70
CA GLY A 45 6.77 23.15 -13.71
C GLY A 45 6.47 21.76 -13.20
N PRO A 46 5.88 20.92 -14.05
CA PRO A 46 5.59 19.54 -13.65
C PRO A 46 6.82 18.67 -13.47
N ASN A 47 8.02 19.16 -13.74
CA ASN A 47 9.25 18.40 -13.52
C ASN A 47 10.07 18.95 -12.36
N PHE A 48 9.51 19.85 -11.56
CA PHE A 48 10.11 20.30 -10.29
C PHE A 48 11.48 20.92 -10.50
N ILE A 49 11.61 21.78 -11.51
CA ILE A 49 12.90 22.41 -11.77
C ILE A 49 13.19 23.41 -10.65
N LEU A 50 14.29 23.20 -9.95
CA LEU A 50 14.67 24.09 -8.87
C LEU A 50 15.09 25.44 -9.45
N GLN A 51 14.49 26.51 -8.93
CA GLN A 51 14.75 27.87 -9.40
C GLN A 51 15.05 28.77 -8.21
N VAL A 52 15.86 29.79 -8.46
CA VAL A 52 16.27 30.75 -7.44
C VAL A 52 16.08 32.15 -8.00
N TYR A 53 15.53 33.05 -7.16
CA TYR A 53 15.27 34.41 -7.57
C TYR A 53 16.55 35.25 -7.51
N SER A 54 16.83 35.97 -8.59
CA SER A 54 17.97 36.87 -8.65
C SER A 54 17.46 38.30 -8.48
N SER A 55 18.00 38.99 -7.47
CA SER A 55 17.60 40.40 -7.20
C SER A 55 18.11 41.31 -8.32
N GLN A 56 19.28 41.00 -8.89
CA GLN A 56 19.86 41.86 -9.92
C GLN A 56 19.02 41.87 -11.19
N ARG A 57 18.50 40.69 -11.57
CA ARG A 57 17.75 40.58 -12.85
C ARG A 57 16.24 40.47 -12.58
N LYS A 58 15.85 40.47 -11.31
CA LYS A 58 14.43 40.44 -10.92
C LYS A 58 13.70 39.29 -11.63
N SER A 59 14.30 38.11 -11.58
CA SER A 59 13.77 36.96 -12.32
C SER A 59 14.22 35.67 -11.66
N TRP A 60 13.55 34.59 -12.05
CA TRP A 60 13.82 33.25 -11.52
C TRP A 60 14.69 32.49 -12.50
N HIS A 61 15.73 31.85 -11.98
CA HIS A 61 16.67 31.11 -12.84
C HIS A 61 16.88 29.70 -12.30
N PRO A 62 16.93 28.68 -13.17
CA PRO A 62 17.15 27.30 -12.73
C PRO A 62 18.57 27.10 -12.19
N VAL A 63 18.69 26.12 -11.31
CA VAL A 63 19.97 25.80 -10.68
C VAL A 63 20.65 24.69 -11.46
N CYS A 64 21.92 24.90 -11.81
CA CYS A 64 22.68 23.89 -12.53
C CYS A 64 22.90 22.65 -11.67
N GLN A 65 22.94 21.50 -12.33
CA GLN A 65 23.23 20.25 -11.64
C GLN A 65 24.69 20.18 -11.19
N ASP A 66 25.56 21.02 -11.76
CA ASP A 66 26.98 20.99 -11.45
C ASP A 66 27.24 21.11 -9.96
N ASP A 67 27.94 20.13 -9.40
CA ASP A 67 28.40 20.09 -8.01
C ASP A 67 27.24 20.11 -7.01
N TRP A 68 26.01 19.91 -7.47
CA TRP A 68 24.86 19.84 -6.57
C TRP A 68 24.82 18.49 -5.86
N ASN A 69 24.59 18.51 -4.56
CA ASN A 69 24.46 17.28 -3.79
C ASN A 69 23.18 17.34 -2.95
N GLU A 70 22.85 16.22 -2.32
CA GLU A 70 21.57 16.09 -1.64
C GLU A 70 21.46 17.02 -0.43
N ASN A 71 22.58 17.34 0.22
CA ASN A 71 22.51 18.28 1.33
C ASN A 71 22.19 19.69 0.86
N TYR A 72 22.54 20.02 -0.39
CA TYR A 72 22.08 21.29 -0.95
C TYR A 72 20.58 21.26 -1.22
N GLY A 73 20.07 20.14 -1.74
CA GLY A 73 18.64 20.01 -1.93
C GLY A 73 17.87 19.99 -0.62
N ARG A 74 18.44 19.34 0.40
CA ARG A 74 17.82 19.38 1.72
C ARG A 74 17.74 20.81 2.25
N ALA A 75 18.80 21.60 2.05
CA ALA A 75 18.78 23.00 2.45
C ALA A 75 17.72 23.77 1.70
N ALA A 76 17.60 23.52 0.39
CA ALA A 76 16.53 24.15 -0.38
C ALA A 76 15.16 23.71 0.12
N CYS A 77 15.02 22.42 0.44
CA CYS A 77 13.76 21.92 0.97
C CYS A 77 13.40 22.58 2.29
N ARG A 78 14.39 22.77 3.18
CA ARG A 78 14.13 23.52 4.40
C ARG A 78 13.69 24.94 4.10
N ASP A 79 14.32 25.57 3.12
CA ASP A 79 13.99 26.99 2.79
C ASP A 79 12.54 27.08 2.33
N MET A 80 12.07 26.08 1.58
CA MET A 80 10.68 26.08 1.10
C MET A 80 9.68 25.76 2.20
N GLY A 81 10.13 25.41 3.39
CA GLY A 81 9.23 25.11 4.48
C GLY A 81 8.88 23.64 4.66
N TYR A 82 9.57 22.74 3.95
CA TYR A 82 9.31 21.31 4.04
C TYR A 82 10.06 20.65 5.19
N LYS A 83 10.80 21.43 5.98
CA LYS A 83 11.53 20.95 7.17
C LYS A 83 12.47 19.83 6.74
N ASN A 84 12.40 18.64 7.35
CA ASN A 84 13.32 17.56 7.07
C ASN A 84 12.82 16.62 5.98
N ASN A 85 11.70 16.94 5.34
CA ASN A 85 11.19 16.11 4.26
C ASN A 85 12.10 16.23 3.04
N PHE A 86 12.52 15.09 2.50
CA PHE A 86 13.32 15.05 1.28
C PHE A 86 13.03 13.75 0.56
N TYR A 87 12.77 13.85 -0.76
CA TYR A 87 12.45 12.68 -1.56
C TYR A 87 13.52 12.37 -2.59
N SER A 88 13.85 13.29 -3.48
CA SER A 88 14.81 12.99 -4.53
C SER A 88 15.38 14.28 -5.12
N SER A 89 16.51 14.13 -5.79
CA SER A 89 17.16 15.22 -6.50
C SER A 89 17.97 14.61 -7.64
N GLN A 90 17.68 15.03 -8.88
CA GLN A 90 18.37 14.49 -10.04
C GLN A 90 18.53 15.58 -11.08
N GLY A 91 19.46 15.35 -12.01
CA GLY A 91 19.64 16.25 -13.13
C GLY A 91 18.73 15.87 -14.28
N ILE A 92 18.12 16.89 -14.88
CA ILE A 92 17.23 16.72 -16.03
C ILE A 92 17.54 17.84 -17.03
N VAL A 93 16.99 17.70 -18.23
CA VAL A 93 17.06 18.76 -19.22
C VAL A 93 16.05 19.83 -18.85
N ASP A 94 16.47 21.09 -18.88
CA ASP A 94 15.58 22.19 -18.57
C ASP A 94 14.46 22.28 -19.60
N ASP A 95 13.21 22.28 -19.12
CA ASP A 95 12.06 22.57 -19.98
C ASP A 95 11.30 23.80 -19.49
N SER A 96 11.96 24.67 -18.72
CA SER A 96 11.38 25.92 -18.28
C SER A 96 11.66 27.07 -19.24
N GLY A 97 12.33 26.81 -20.35
CA GLY A 97 12.60 27.84 -21.34
C GLY A 97 13.55 28.92 -20.89
N SER A 98 14.40 28.64 -19.91
CA SER A 98 15.30 29.65 -19.37
C SER A 98 16.54 29.79 -20.24
N THR A 99 17.12 30.99 -20.20
CA THR A 99 18.37 31.27 -20.89
C THR A 99 19.53 31.59 -19.96
N SER A 100 19.25 31.87 -18.69
CA SER A 100 20.27 32.11 -17.68
C SER A 100 20.06 31.17 -16.52
N PHE A 101 21.16 30.79 -15.87
CA PHE A 101 21.12 29.76 -14.84
C PHE A 101 21.98 30.17 -13.66
N MET A 102 21.72 29.54 -12.52
CA MET A 102 22.50 29.75 -11.32
C MET A 102 23.44 28.56 -11.14
N LYS A 103 24.74 28.83 -11.18
CA LYS A 103 25.77 27.82 -11.01
C LYS A 103 26.34 27.89 -9.60
N LEU A 104 26.67 26.74 -9.03
CA LEU A 104 27.18 26.67 -7.67
C LEU A 104 28.65 27.08 -7.64
N ASN A 105 28.98 28.00 -6.74
CA ASN A 105 30.37 28.39 -6.51
C ASN A 105 30.91 27.53 -5.36
N THR A 106 31.93 26.72 -5.65
CA THR A 106 32.46 25.81 -4.65
C THR A 106 33.07 26.57 -3.48
N SER A 107 33.80 27.64 -3.75
CA SER A 107 34.45 28.44 -2.71
C SER A 107 33.40 29.29 -2.03
N ALA A 108 32.82 28.76 -0.95
CA ALA A 108 31.80 29.46 -0.19
C ALA A 108 31.98 29.25 1.31
N VAL A 111 28.68 29.15 3.18
CA VAL A 111 27.71 30.20 2.85
C VAL A 111 26.34 29.57 2.57
N ASP A 112 25.33 30.43 2.43
CA ASP A 112 23.96 29.98 2.26
C ASP A 112 23.74 29.44 0.84
N ILE A 113 22.57 28.84 0.62
CA ILE A 113 22.23 28.28 -0.68
C ILE A 113 22.12 29.38 -1.73
N TYR A 114 21.22 30.34 -1.49
CA TYR A 114 21.01 31.41 -2.46
C TYR A 114 22.20 32.35 -2.57
N LYS A 115 23.06 32.37 -1.55
CA LYS A 115 24.25 33.22 -1.55
C LYS A 115 25.49 32.53 -2.09
N LYS A 116 25.40 31.24 -2.43
CA LYS A 116 26.53 30.49 -2.98
C LYS A 116 26.46 30.33 -4.49
N LEU A 117 25.41 30.85 -5.13
CA LEU A 117 25.21 30.66 -6.55
C LEU A 117 25.54 31.95 -7.32
N TYR A 118 25.99 31.77 -8.56
CA TYR A 118 26.26 32.89 -9.44
C TYR A 118 25.65 32.62 -10.80
N HIS A 119 25.45 33.69 -11.57
CA HIS A 119 24.78 33.57 -12.85
C HIS A 119 25.69 32.92 -13.88
N SER A 120 25.06 32.18 -14.79
CA SER A 120 25.77 31.49 -15.86
C SER A 120 24.77 31.19 -16.97
N ASP A 121 25.24 31.30 -18.22
CA ASP A 121 24.38 31.05 -19.37
C ASP A 121 24.42 29.60 -19.83
N ALA A 122 25.14 28.73 -19.12
CA ALA A 122 25.16 27.31 -19.42
C ALA A 122 25.56 26.54 -18.18
N CYS A 123 25.24 25.25 -18.18
CA CYS A 123 25.67 24.33 -17.15
C CYS A 123 26.62 23.31 -17.76
N SER A 124 27.71 23.03 -17.06
CA SER A 124 28.66 22.04 -17.55
C SER A 124 28.01 20.68 -17.71
N SER A 125 27.17 20.29 -16.73
CA SER A 125 26.45 19.03 -16.83
C SER A 125 25.41 19.02 -17.94
N LYS A 126 25.03 20.19 -18.45
CA LYS A 126 23.90 20.37 -19.35
C LYS A 126 22.57 20.04 -18.69
N ALA A 127 22.54 20.03 -17.36
CA ALA A 127 21.36 19.63 -16.60
C ALA A 127 21.06 20.65 -15.52
N VAL A 128 19.79 20.74 -15.17
CA VAL A 128 19.34 21.56 -14.04
C VAL A 128 18.80 20.62 -12.96
N VAL A 129 18.78 21.13 -11.73
CA VAL A 129 18.33 20.34 -10.60
C VAL A 129 16.81 20.18 -10.66
N SER A 130 16.35 18.94 -10.59
CA SER A 130 14.94 18.62 -10.37
C SER A 130 14.82 18.11 -8.93
N LEU A 131 14.14 18.88 -8.10
CA LEU A 131 14.10 18.61 -6.66
C LEU A 131 12.67 18.32 -6.22
N ARG A 132 12.49 17.18 -5.55
CA ARG A 132 11.22 16.81 -4.95
C ARG A 132 11.43 16.67 -3.45
N CYS A 133 10.79 17.54 -2.67
CA CYS A 133 10.99 17.54 -1.23
C CYS A 133 10.12 16.53 -0.51
N ILE A 134 9.08 16.00 -1.15
CA ILE A 134 8.19 15.05 -0.52
C ILE A 134 7.64 14.11 -1.58
N ALA A 135 7.40 12.86 -1.18
CA ALA A 135 6.78 11.88 -2.07
C ALA A 135 5.28 12.13 -2.05
N CYS A 136 4.77 12.75 -3.11
CA CYS A 136 3.37 13.15 -3.17
C CYS A 136 2.79 12.85 -4.54
N GLY A 137 1.47 13.00 -4.66
CA GLY A 137 0.82 12.94 -5.95
C GLY A 137 0.72 11.56 -6.55
N VAL A 138 0.90 10.51 -5.76
CA VAL A 138 0.85 9.13 -6.23
C VAL A 138 -0.36 8.46 -5.61
N ASN A 139 -1.18 7.82 -6.44
CA ASN A 139 -2.38 7.14 -5.98
C ASN A 139 -2.35 5.70 -6.50
N LEU A 140 -3.47 5.01 -6.41
CA LEU A 140 -3.59 3.58 -6.81
C LEU A 140 -3.20 3.35 -8.27
N ASN A 141 -3.63 4.21 -9.18
CA ASN A 141 -3.40 3.94 -10.61
C ASN A 141 -2.21 4.73 -11.15
N ASP A 142 -1.69 4.32 -12.31
CA ASP A 142 -0.56 5.02 -12.96
C ASP A 142 -0.95 5.34 -14.40
N ILE B 1 -20.50 14.83 -2.96
CA ILE B 1 -20.29 14.90 -4.43
C ILE B 1 -21.59 14.49 -5.11
N VAL B 2 -22.02 15.27 -6.10
CA VAL B 2 -23.24 14.96 -6.84
C VAL B 2 -22.85 14.42 -8.21
N GLY B 3 -23.45 13.30 -8.59
CA GLY B 3 -23.18 12.70 -9.88
C GLY B 3 -21.89 11.91 -9.97
N GLY B 4 -21.21 11.69 -8.85
CA GLY B 4 -19.97 10.94 -8.84
C GLY B 4 -20.18 9.46 -8.53
N GLU B 5 -19.13 8.84 -8.03
CA GLU B 5 -19.16 7.44 -7.64
C GLU B 5 -18.29 7.23 -6.41
N SER B 6 -18.55 6.13 -5.70
CA SER B 6 -17.82 5.85 -4.48
C SER B 6 -16.36 5.58 -4.77
N ALA B 7 -15.49 6.07 -3.89
CA ALA B 7 -14.05 5.96 -4.08
C ALA B 7 -13.53 4.62 -3.57
N LEU B 8 -12.47 4.13 -4.22
CA LEU B 8 -11.75 2.93 -3.85
C LEU B 8 -10.65 3.24 -2.85
N PRO B 9 -10.21 2.26 -2.07
CA PRO B 9 -9.09 2.50 -1.15
C PRO B 9 -7.84 2.91 -1.91
N GLY B 10 -7.15 3.92 -1.39
CA GLY B 10 -5.95 4.43 -2.03
C GLY B 10 -6.19 5.26 -3.28
N ALA B 11 -7.44 5.43 -3.71
CA ALA B 11 -7.72 6.26 -4.86
C ALA B 11 -7.40 7.73 -4.59
N TRP B 12 -7.74 8.20 -3.40
CA TRP B 12 -7.49 9.59 -2.99
C TRP B 12 -6.86 9.56 -1.61
N PRO B 13 -5.61 9.10 -1.52
CA PRO B 13 -4.99 8.90 -0.20
C PRO B 13 -4.73 10.20 0.55
N TRP B 14 -4.84 11.35 -0.10
CA TRP B 14 -4.71 12.65 0.54
C TRP B 14 -6.01 13.16 1.13
N GLN B 15 -7.13 12.52 0.81
CA GLN B 15 -8.42 13.00 1.29
C GLN B 15 -8.56 12.73 2.79
N VAL B 16 -8.97 13.76 3.52
CA VAL B 16 -9.07 13.70 4.98
C VAL B 16 -10.44 14.20 5.40
N SER B 17 -11.03 13.53 6.39
CA SER B 17 -12.32 13.94 6.96
C SER B 17 -12.06 14.72 8.24
N LEU B 18 -12.57 15.94 8.30
CA LEU B 18 -12.37 16.82 9.44
C LEU B 18 -13.63 16.85 10.29
N HIS B 19 -13.49 16.59 11.59
CA HIS B 19 -14.61 16.34 12.47
C HIS B 19 -14.64 17.34 13.61
N VAL B 20 -15.86 17.78 13.95
CA VAL B 20 -16.13 18.54 15.17
C VAL B 20 -17.34 17.90 15.84
N GLN B 21 -17.22 17.65 17.14
CA GLN B 21 -18.30 17.05 17.94
C GLN B 21 -18.75 15.71 17.35
N ASN B 22 -17.76 14.87 17.02
CA ASN B 22 -18.00 13.52 16.48
C ASN B 22 -18.86 13.56 15.21
N VAL B 23 -18.67 14.59 14.39
CA VAL B 23 -19.48 14.77 13.19
C VAL B 23 -18.59 15.35 12.09
N HIS B 24 -18.72 14.79 10.88
CA HIS B 24 -18.00 15.32 9.74
C HIS B 24 -18.47 16.73 9.42
N VAL B 25 -17.53 17.65 9.25
CA VAL B 25 -17.82 19.05 8.97
C VAL B 25 -17.29 19.47 7.59
N CYS B 26 -16.03 19.15 7.31
CA CYS B 26 -15.38 19.59 6.08
CA CYS B 26 -15.41 19.56 6.05
C CYS B 26 -14.34 18.56 5.67
N GLY B 27 -13.86 18.69 4.42
CA GLY B 27 -12.78 17.88 3.92
C GLY B 27 -11.45 18.61 3.98
N GLY B 28 -10.39 17.89 3.61
CA GLY B 28 -9.05 18.46 3.63
C GLY B 28 -8.11 17.64 2.79
N SER B 29 -6.92 18.20 2.56
CA SER B 29 -5.91 17.56 1.74
C SER B 29 -4.59 17.51 2.50
N ILE B 30 -4.03 16.31 2.62
CA ILE B 30 -2.70 16.14 3.20
C ILE B 30 -1.66 16.62 2.22
N ILE B 31 -0.70 17.43 2.70
CA ILE B 31 0.39 17.86 1.84
C ILE B 31 1.73 17.49 2.47
N THR B 32 1.76 17.40 3.80
CA THR B 32 2.90 16.89 4.56
C THR B 32 2.36 15.98 5.66
N PRO B 33 3.19 15.22 6.37
CA PRO B 33 2.65 14.40 7.48
C PRO B 33 1.98 15.21 8.57
N GLU B 34 2.23 16.52 8.65
CA GLU B 34 1.64 17.36 9.68
C GLU B 34 0.58 18.33 9.16
N TRP B 35 0.63 18.69 7.89
CA TRP B 35 -0.14 19.82 7.37
C TRP B 35 -1.30 19.35 6.50
N ILE B 36 -2.44 20.02 6.63
CA ILE B 36 -3.65 19.73 5.88
C ILE B 36 -4.18 21.04 5.30
N VAL B 37 -4.53 21.01 4.02
CA VAL B 37 -5.11 22.16 3.33
C VAL B 37 -6.62 22.02 3.35
N THR B 38 -7.30 23.05 3.86
CA THR B 38 -8.75 23.06 3.94
C THR B 38 -9.24 24.48 3.65
N ALA B 39 -10.54 24.72 3.86
CA ALA B 39 -11.17 25.98 3.52
C ALA B 39 -11.27 26.88 4.74
N ALA B 40 -11.07 28.19 4.51
CA ALA B 40 -11.11 29.15 5.59
C ALA B 40 -12.50 29.26 6.22
N HIS B 41 -13.55 29.06 5.41
CA HIS B 41 -14.93 29.20 5.92
C HIS B 41 -15.27 28.05 6.87
N CYS B 42 -14.50 26.98 6.81
CA CYS B 42 -14.73 25.87 7.73
C CYS B 42 -14.22 26.16 9.13
N VAL B 43 -13.26 27.08 9.27
CA VAL B 43 -12.64 27.38 10.55
C VAL B 43 -12.98 28.79 11.02
N GLU B 44 -14.07 29.36 10.53
CA GLU B 44 -14.58 30.61 11.09
C GLU B 44 -14.99 30.39 12.55
N LYS B 45 -15.10 31.50 13.28
CA LYS B 45 -15.48 31.39 14.68
C LYS B 45 -16.86 30.75 14.80
N PRO B 46 -17.06 29.88 15.81
CA PRO B 46 -16.16 29.53 16.90
C PRO B 46 -15.21 28.37 16.60
N LEU B 47 -15.24 27.80 15.40
CA LEU B 47 -14.40 26.64 15.08
C LEU B 47 -12.98 27.02 14.68
N ASN B 48 -12.55 28.23 15.02
CA ASN B 48 -11.16 28.64 14.77
C ASN B 48 -10.20 28.06 15.80
N ASN B 49 -10.70 27.59 16.94
CA ASN B 49 -9.85 26.94 17.92
C ASN B 49 -9.47 25.55 17.45
N PRO B 50 -8.19 25.15 17.56
CA PRO B 50 -7.79 23.83 17.03
C PRO B 50 -8.32 22.65 17.83
N TRP B 51 -8.68 22.83 19.10
CA TRP B 51 -9.08 21.68 19.91
C TRP B 51 -10.46 21.14 19.54
N HIS B 52 -11.23 21.86 18.72
CA HIS B 52 -12.51 21.34 18.25
C HIS B 52 -12.35 20.25 17.19
N TRP B 53 -11.18 20.12 16.59
CA TRP B 53 -11.03 19.46 15.30
C TRP B 53 -10.32 18.11 15.44
N THR B 54 -10.75 17.16 14.63
CA THR B 54 -10.13 15.85 14.50
C THR B 54 -10.12 15.46 13.04
N ALA B 55 -8.99 14.95 12.56
CA ALA B 55 -8.81 14.56 11.17
C ALA B 55 -8.77 13.04 11.06
N PHE B 56 -9.46 12.52 10.05
CA PHE B 56 -9.50 11.08 9.79
C PHE B 56 -8.94 10.82 8.40
N ALA B 57 -7.87 10.03 8.33
CA ALA B 57 -7.19 9.72 7.08
C ALA B 57 -7.22 8.22 6.83
N GLY B 58 -7.26 7.84 5.55
CA GLY B 58 -7.19 6.45 5.17
C GLY B 58 -8.44 5.65 5.44
N ILE B 59 -9.55 6.31 5.79
CA ILE B 59 -10.81 5.64 6.09
C ILE B 59 -11.87 6.14 5.13
N LEU B 60 -12.52 5.20 4.44
CA LEU B 60 -13.48 5.55 3.40
C LEU B 60 -14.88 5.85 3.94
N ARG B 61 -15.26 5.27 5.07
CA ARG B 61 -16.62 5.32 5.55
C ARG B 61 -16.67 6.07 6.88
N GLN B 62 -17.64 6.99 6.99
CA GLN B 62 -17.78 7.79 8.22
C GLN B 62 -18.04 6.91 9.44
N SER B 63 -18.90 5.89 9.29
CA SER B 63 -19.19 5.00 10.40
C SER B 63 -17.97 4.21 10.84
N PHE B 64 -16.96 4.08 9.99
CA PHE B 64 -15.73 3.40 10.34
C PHE B 64 -14.73 4.31 11.05
N MET B 65 -15.06 5.59 11.21
CA MET B 65 -14.16 6.55 11.84
C MET B 65 -14.39 6.50 13.35
N PHE B 66 -13.84 5.46 13.97
CA PHE B 66 -14.11 5.17 15.37
C PHE B 66 -13.30 6.08 16.28
N TYR B 67 -13.62 6.03 17.57
CA TYR B 67 -12.94 6.85 18.56
C TYR B 67 -11.57 6.26 18.84
N GLY B 68 -10.52 7.02 18.54
CA GLY B 68 -9.16 6.56 18.62
C GLY B 68 -8.46 6.47 17.29
N ALA B 69 -9.21 6.54 16.18
CA ALA B 69 -8.63 6.54 14.84
C ALA B 69 -8.31 7.94 14.34
N GLY B 70 -8.83 8.98 14.99
CA GLY B 70 -8.65 10.33 14.52
C GLY B 70 -7.43 11.02 15.07
N TYR B 71 -6.94 12.00 14.32
CA TYR B 71 -5.76 12.77 14.68
C TYR B 71 -6.19 14.14 15.18
N GLN B 72 -5.77 14.48 16.39
CA GLN B 72 -6.10 15.77 16.98
C GLN B 72 -5.36 16.89 16.26
N VAL B 73 -6.04 18.00 16.06
CA VAL B 73 -5.47 19.14 15.34
C VAL B 73 -4.78 20.06 16.33
N GLU B 74 -3.52 20.40 16.04
CA GLU B 74 -2.70 21.23 16.92
C GLU B 74 -2.82 22.71 16.63
N LYS B 75 -3.10 23.09 15.39
CA LYS B 75 -2.99 24.49 14.99
C LYS B 75 -3.89 24.74 13.79
N VAL B 76 -4.61 25.85 13.81
CA VAL B 76 -5.46 26.28 12.70
C VAL B 76 -5.03 27.68 12.29
N ILE B 77 -4.69 27.84 11.01
CA ILE B 77 -4.27 29.14 10.47
C ILE B 77 -5.20 29.48 9.32
N SER B 78 -5.99 30.53 9.48
CA SER B 78 -6.77 31.06 8.38
C SER B 78 -5.92 32.01 7.55
N HIS B 79 -6.28 32.14 6.27
CA HIS B 79 -5.59 33.09 5.41
C HIS B 79 -5.82 34.50 5.94
N PRO B 80 -4.76 35.32 6.06
CA PRO B 80 -4.93 36.64 6.67
C PRO B 80 -5.90 37.54 5.93
N ASN B 81 -6.04 37.37 4.61
CA ASN B 81 -6.91 38.21 3.80
C ASN B 81 -8.22 37.52 3.45
N TYR B 82 -8.67 36.58 4.28
CA TYR B 82 -9.92 35.89 4.02
C TYR B 82 -11.10 36.81 4.26
N ASP B 83 -12.05 36.83 3.32
CA ASP B 83 -13.24 37.67 3.39
C ASP B 83 -14.46 36.76 3.44
N SER B 84 -15.14 36.74 4.58
CA SER B 84 -16.30 35.84 4.75
C SER B 84 -17.41 36.23 3.78
N LYS B 85 -17.55 37.51 3.46
CA LYS B 85 -18.63 37.94 2.59
C LYS B 85 -18.42 37.43 1.16
N THR B 86 -17.21 37.57 0.63
CA THR B 86 -16.93 37.19 -0.75
C THR B 86 -16.29 35.81 -0.89
N LYS B 87 -15.94 35.16 0.22
CA LYS B 87 -15.20 33.90 0.24
C LYS B 87 -13.86 34.02 -0.48
N ASN B 88 -13.33 35.23 -0.61
CA ASN B 88 -12.05 35.42 -1.26
C ASN B 88 -10.92 34.97 -0.34
N ASN B 89 -9.88 34.37 -0.93
CA ASN B 89 -8.77 33.79 -0.18
C ASN B 89 -9.28 32.74 0.81
N ASP B 90 -10.22 31.91 0.37
CA ASP B 90 -10.84 30.89 1.21
C ASP B 90 -9.91 29.69 1.31
N ILE B 91 -8.89 29.85 2.16
CA ILE B 91 -7.93 28.77 2.41
C ILE B 91 -7.48 28.85 3.85
N ALA B 92 -7.23 27.69 4.45
CA ALA B 92 -6.70 27.60 5.80
C ALA B 92 -5.82 26.36 5.91
N LEU B 93 -4.93 26.38 6.90
CA LEU B 93 -4.02 25.27 7.15
C LEU B 93 -4.29 24.68 8.53
N MET B 94 -4.19 23.36 8.62
CA MET B 94 -4.28 22.64 9.88
C MET B 94 -3.02 21.83 10.10
N LYS B 95 -2.41 21.97 11.28
CA LYS B 95 -1.28 21.17 11.68
C LYS B 95 -1.71 20.16 12.73
N LEU B 96 -1.32 18.91 12.55
CA LEU B 96 -1.70 17.83 13.47
C LEU B 96 -0.74 17.77 14.66
N GLN B 97 -1.27 17.34 15.79
CA GLN B 97 -0.42 17.09 16.96
C GLN B 97 0.57 15.97 16.68
N LYS B 98 0.10 14.88 16.06
CA LYS B 98 0.94 13.75 15.72
C LYS B 98 1.02 13.60 14.21
N PRO B 99 2.22 13.46 13.64
CA PRO B 99 2.33 13.31 12.19
C PRO B 99 1.71 12.01 11.72
N LEU B 100 1.18 12.04 10.49
CA LEU B 100 0.62 10.85 9.90
C LEU B 100 1.72 9.90 9.45
N THR B 101 1.38 8.61 9.42
CA THR B 101 2.22 7.59 8.82
C THR B 101 1.73 7.35 7.40
N PHE B 102 2.64 7.48 6.43
CA PHE B 102 2.27 7.39 5.02
C PHE B 102 2.36 5.96 4.53
N ASN B 103 1.36 5.54 3.77
CA ASN B 103 1.33 4.23 3.13
C ASN B 103 0.40 4.33 1.92
N ASP B 104 0.05 3.18 1.35
CA ASP B 104 -0.79 3.18 0.16
C ASP B 104 -2.17 3.76 0.42
N LEU B 105 -2.59 3.86 1.68
CA LEU B 105 -3.88 4.42 2.02
C LEU B 105 -3.81 5.91 2.36
N VAL B 106 -2.69 6.38 2.88
CA VAL B 106 -2.53 7.76 3.33
C VAL B 106 -1.27 8.32 2.70
N LYS B 107 -1.43 9.21 1.73
CA LYS B 107 -0.32 9.82 1.02
C LYS B 107 -0.65 11.28 0.74
N PRO B 108 0.36 12.14 0.64
CA PRO B 108 0.08 13.55 0.35
C PRO B 108 -0.08 13.81 -1.13
N VAL B 109 -0.78 14.89 -1.44
CA VAL B 109 -0.89 15.42 -2.79
C VAL B 109 0.16 16.52 -2.96
N CYS B 110 0.64 16.70 -4.18
CA CYS B 110 1.67 17.70 -4.44
C CYS B 110 1.04 19.09 -4.57
N LEU B 111 1.66 20.06 -3.90
CA LEU B 111 1.27 21.45 -4.10
C LEU B 111 1.62 21.89 -5.52
N PRO B 112 0.79 22.71 -6.16
CA PRO B 112 1.06 23.10 -7.54
C PRO B 112 2.31 23.96 -7.65
N ASN B 113 3.05 23.75 -8.71
CA ASN B 113 4.18 24.59 -9.05
C ASN B 113 3.77 25.63 -10.08
N PRO B 114 4.47 26.76 -10.14
CA PRO B 114 4.25 27.69 -11.25
C PRO B 114 4.67 27.05 -12.58
N GLY B 115 3.99 27.46 -13.64
CA GLY B 115 4.28 26.90 -14.95
C GLY B 115 3.69 25.54 -15.21
N MET B 116 2.53 25.23 -14.61
CA MET B 116 1.88 23.95 -14.85
C MET B 116 1.38 23.81 -16.28
N MET B 117 1.07 24.94 -16.94
CA MET B 117 0.55 24.94 -18.31
C MET B 117 -0.67 24.05 -18.44
N LEU B 118 -1.56 24.13 -17.45
CA LEU B 118 -2.81 23.37 -17.51
C LEU B 118 -3.67 23.84 -18.67
N GLN B 119 -4.43 22.91 -19.22
CA GLN B 119 -5.35 23.24 -20.34
C GLN B 119 -6.49 24.10 -19.79
N PRO B 120 -7.07 25.02 -20.60
CA PRO B 120 -8.17 25.87 -20.14
C PRO B 120 -9.37 25.07 -19.62
N GLU B 121 -9.63 23.90 -20.19
CA GLU B 121 -10.67 22.99 -19.74
C GLU B 121 -10.05 21.70 -19.22
N GLN B 122 -9.00 21.84 -18.42
CA GLN B 122 -8.25 20.70 -17.92
C GLN B 122 -9.15 19.77 -17.12
N LEU B 123 -8.97 18.46 -17.33
CA LEU B 123 -9.75 17.46 -16.61
C LEU B 123 -9.26 17.36 -15.17
N CYS B 124 -10.20 17.39 -14.22
CA CYS B 124 -9.88 17.41 -12.80
C CYS B 124 -10.78 16.43 -12.06
N TRP B 125 -10.46 16.20 -10.79
CA TRP B 125 -11.23 15.34 -9.91
C TRP B 125 -11.54 16.08 -8.62
N ILE B 126 -12.73 15.81 -8.08
CA ILE B 126 -13.11 16.28 -6.76
C ILE B 126 -13.55 15.07 -5.95
N SER B 127 -13.35 15.14 -4.63
CA SER B 127 -13.74 14.05 -3.75
C SER B 127 -14.16 14.61 -2.41
N GLY B 128 -14.90 13.81 -1.65
CA GLY B 128 -15.31 14.19 -0.32
C GLY B 128 -16.57 13.46 0.10
N TRP B 129 -16.93 13.64 1.37
CA TRP B 129 -18.12 13.06 1.95
C TRP B 129 -19.29 14.04 1.94
N GLY B 130 -19.34 14.94 0.97
CA GLY B 130 -20.42 15.89 0.89
C GLY B 130 -21.72 15.23 0.46
N ALA B 131 -22.79 16.04 0.49
CA ALA B 131 -24.10 15.54 0.10
C ALA B 131 -24.11 15.14 -1.36
N THR B 132 -24.85 14.07 -1.66
CA THR B 132 -25.01 13.60 -3.04
C THR B 132 -26.18 14.26 -3.74
N GLU B 133 -26.88 15.16 -3.06
CA GLU B 133 -27.95 15.96 -3.65
C GLU B 133 -28.05 17.25 -2.85
N GLU B 134 -28.54 18.31 -3.49
CA GLU B 134 -28.63 19.59 -2.82
C GLU B 134 -29.53 19.49 -1.58
N LYS B 135 -29.06 20.05 -0.47
CA LYS B 135 -29.70 20.02 0.83
C LYS B 135 -29.73 18.61 1.43
N GLY B 136 -28.97 17.68 0.87
CA GLY B 136 -28.92 16.33 1.37
C GLY B 136 -27.98 16.18 2.56
N LYS B 137 -27.90 14.95 3.06
CA LYS B 137 -27.11 14.64 4.24
C LYS B 137 -25.67 14.29 3.85
N THR B 138 -24.79 14.32 4.86
CA THR B 138 -23.42 13.87 4.68
C THR B 138 -23.39 12.41 4.21
N SER B 139 -22.58 12.15 3.20
CA SER B 139 -22.50 10.81 2.63
C SER B 139 -21.67 9.90 3.52
N GLU B 140 -22.10 8.65 3.64
CA GLU B 140 -21.36 7.68 4.44
C GLU B 140 -20.04 7.30 3.79
N VAL B 141 -20.04 7.14 2.46
CA VAL B 141 -18.86 6.69 1.74
C VAL B 141 -18.21 7.87 1.01
N LEU B 142 -16.88 7.81 0.92
CA LEU B 142 -16.14 8.79 0.14
C LEU B 142 -16.49 8.67 -1.33
N ASN B 143 -16.83 9.80 -1.95
CA ASN B 143 -17.21 9.84 -3.35
C ASN B 143 -16.22 10.71 -4.12
N ALA B 144 -16.24 10.56 -5.45
CA ALA B 144 -15.37 11.33 -6.32
C ALA B 144 -16.01 11.46 -7.69
N ALA B 145 -15.60 12.49 -8.41
CA ALA B 145 -16.18 12.76 -9.73
C ALA B 145 -15.19 13.56 -10.58
N LYS B 146 -15.31 13.40 -11.89
CA LYS B 146 -14.53 14.19 -12.83
C LYS B 146 -15.23 15.49 -13.15
N VAL B 147 -14.47 16.59 -13.15
CA VAL B 147 -14.96 17.89 -13.56
C VAL B 147 -13.91 18.54 -14.45
N LEU B 148 -14.35 19.48 -15.27
CA LEU B 148 -13.47 20.24 -16.14
C LEU B 148 -13.29 21.64 -15.58
N LEU B 149 -12.09 22.19 -15.73
CA LEU B 149 -11.88 23.60 -15.42
C LEU B 149 -12.75 24.46 -16.33
N ILE B 150 -13.20 25.59 -15.79
CA ILE B 150 -13.96 26.58 -16.55
C ILE B 150 -13.19 27.89 -16.46
N GLU B 151 -12.86 28.44 -17.64
CA GLU B 151 -12.09 29.67 -17.69
C GLU B 151 -12.84 30.78 -16.95
N THR B 152 -12.08 31.57 -16.17
CA THR B 152 -12.69 32.56 -15.30
C THR B 152 -13.50 33.59 -16.09
N GLN B 153 -13.01 33.95 -17.28
CA GLN B 153 -13.76 34.89 -18.11
C GLN B 153 -15.13 34.33 -18.48
N ARG B 154 -15.19 33.03 -18.77
CA ARG B 154 -16.51 32.40 -19.04
C ARG B 154 -17.30 32.31 -17.73
N CYS B 155 -16.61 32.02 -16.64
CA CYS B 155 -17.31 31.88 -15.36
C CYS B 155 -17.83 33.21 -14.84
N ASN B 156 -17.15 34.31 -15.16
CA ASN B 156 -17.59 35.62 -14.69
C ASN B 156 -18.64 36.24 -15.61
N SER B 157 -19.11 35.51 -16.61
CA SER B 157 -20.20 35.98 -17.44
C SER B 157 -21.41 36.32 -16.58
N ARG B 158 -22.18 37.31 -17.03
CA ARG B 158 -23.37 37.72 -16.28
C ARG B 158 -24.35 36.57 -16.12
N TYR B 159 -24.30 35.58 -17.01
CA TYR B 159 -25.18 34.43 -16.95
C TYR B 159 -24.66 33.30 -16.07
N VAL B 160 -23.45 33.41 -15.52
CA VAL B 160 -22.93 32.34 -14.68
C VAL B 160 -22.72 32.80 -13.24
N TYR B 161 -21.79 33.73 -13.03
CA TYR B 161 -21.48 34.20 -11.69
C TYR B 161 -21.20 35.70 -11.60
N ASP B 162 -21.22 36.41 -12.73
CA ASP B 162 -21.33 37.87 -12.76
C ASP B 162 -20.26 38.55 -11.91
N ASN B 163 -19.01 38.34 -12.32
CA ASN B 163 -17.85 39.04 -11.78
C ASN B 163 -17.58 38.74 -10.31
N LEU B 164 -18.10 37.63 -9.79
CA LEU B 164 -17.82 37.23 -8.41
C LEU B 164 -16.60 36.33 -8.29
N ILE B 165 -15.99 35.94 -9.40
CA ILE B 165 -14.83 35.06 -9.38
C ILE B 165 -13.58 35.91 -9.32
N THR B 166 -12.89 35.89 -8.18
CA THR B 166 -11.67 36.65 -7.98
C THR B 166 -10.46 35.85 -8.50
N PRO B 167 -9.31 36.52 -8.69
CA PRO B 167 -8.10 35.79 -9.09
C PRO B 167 -7.64 34.72 -8.11
N ALA B 168 -8.13 34.74 -6.87
CA ALA B 168 -7.87 33.68 -5.91
C ALA B 168 -8.90 32.56 -6.02
N MET B 169 -9.61 32.46 -7.14
CA MET B 169 -10.70 31.52 -7.32
C MET B 169 -10.59 30.87 -8.69
N ILE B 170 -11.03 29.62 -8.78
CA ILE B 170 -11.17 28.94 -10.06
C ILE B 170 -12.50 28.19 -10.07
N CYS B 171 -13.12 28.13 -11.24
CA CYS B 171 -14.35 27.39 -11.43
C CYS B 171 -14.03 26.02 -12.05
N ALA B 172 -14.77 25.00 -11.62
CA ALA B 172 -14.66 23.68 -12.20
C ALA B 172 -16.02 23.00 -12.17
N GLY B 173 -16.27 22.16 -13.17
CA GLY B 173 -17.53 21.46 -13.27
C GLY B 173 -18.07 21.42 -14.68
N PHE B 174 -19.39 21.56 -14.81
CA PHE B 174 -20.05 21.59 -16.10
C PHE B 174 -21.14 22.63 -16.06
N LEU B 175 -21.16 23.51 -17.06
CA LEU B 175 -22.19 24.56 -17.10
C LEU B 175 -23.60 23.98 -17.18
N GLN B 176 -23.74 22.74 -17.64
CA GLN B 176 -25.01 22.03 -17.57
C GLN B 176 -25.30 21.46 -16.20
N GLY B 177 -24.30 21.41 -15.31
CA GLY B 177 -24.52 20.88 -13.98
C GLY B 177 -24.43 19.37 -13.92
N ASN B 178 -25.17 18.80 -12.96
CA ASN B 178 -25.35 17.37 -12.76
C ASN B 178 -24.12 16.69 -12.19
N VAL B 179 -22.99 17.42 -12.12
CA VAL B 179 -21.76 16.91 -11.53
C VAL B 179 -21.09 18.08 -10.83
N ASP B 180 -21.08 18.02 -9.51
CA ASP B 180 -20.54 19.16 -8.75
C ASP B 180 -20.31 18.78 -7.30
N SER B 181 -19.48 19.56 -6.63
CA SER B 181 -19.34 19.39 -5.19
C SER B 181 -20.60 19.90 -4.50
N CYS B 182 -20.70 19.63 -3.21
CA CYS B 182 -21.89 20.00 -2.45
C CYS B 182 -21.51 20.21 -0.99
N GLN B 183 -22.52 20.53 -0.17
CA GLN B 183 -22.32 20.74 1.25
C GLN B 183 -21.61 19.55 1.89
N GLY B 184 -20.53 19.84 2.61
CA GLY B 184 -19.69 18.83 3.22
C GLY B 184 -18.44 18.49 2.43
N ASP B 185 -18.41 18.82 1.14
CA ASP B 185 -17.21 18.65 0.33
C ASP B 185 -16.24 19.80 0.49
N SER B 186 -16.67 20.91 1.09
CA SER B 186 -15.86 22.12 1.14
C SER B 186 -14.58 21.87 1.95
N GLY B 187 -13.51 22.55 1.54
CA GLY B 187 -12.19 22.28 2.07
C GLY B 187 -11.51 21.10 1.44
N GLY B 188 -12.22 20.31 0.64
CA GLY B 188 -11.67 19.13 0.02
C GLY B 188 -10.91 19.44 -1.24
N PRO B 189 -10.33 18.39 -1.82
CA PRO B 189 -9.37 18.60 -2.91
C PRO B 189 -10.05 18.78 -4.27
N LEU B 190 -9.45 19.64 -5.08
CA LEU B 190 -9.67 19.66 -6.53
C LEU B 190 -8.31 19.36 -7.16
N VAL B 191 -8.14 18.15 -7.67
CA VAL B 191 -6.84 17.68 -8.12
C VAL B 191 -6.87 17.45 -9.63
N THR B 192 -5.68 17.44 -10.21
CA THR B 192 -5.50 17.10 -11.62
C THR B 192 -4.22 16.28 -11.76
N SER B 193 -4.17 15.47 -12.81
CA SER B 193 -3.04 14.61 -13.09
C SER B 193 -2.25 15.18 -14.25
N LYS B 194 -0.96 15.43 -14.03
CA LYS B 194 -0.07 15.89 -15.08
C LYS B 194 1.34 15.39 -14.77
N ASN B 195 2.02 14.91 -15.81
CA ASN B 195 3.34 14.30 -15.67
C ASN B 195 3.32 13.15 -14.67
N ASN B 196 2.24 12.37 -14.69
CA ASN B 196 2.04 11.22 -13.80
C ASN B 196 2.18 11.63 -12.33
N ILE B 197 1.70 12.82 -12.00
CA ILE B 197 1.66 13.32 -10.63
C ILE B 197 0.32 14.00 -10.40
N TRP B 198 -0.29 13.74 -9.24
CA TRP B 198 -1.53 14.40 -8.87
C TRP B 198 -1.21 15.72 -8.18
N TRP B 199 -1.77 16.81 -8.70
CA TRP B 199 -1.52 18.15 -8.19
C TRP B 199 -2.80 18.71 -7.56
N LEU B 200 -2.64 19.39 -6.44
CA LEU B 200 -3.75 20.06 -5.77
C LEU B 200 -3.87 21.48 -6.30
N ILE B 201 -4.76 21.67 -7.28
CA ILE B 201 -4.95 22.99 -7.87
C ILE B 201 -6.10 23.78 -7.23
N GLY B 202 -6.83 23.12 -6.35
CA GLY B 202 -7.98 23.81 -5.75
C GLY B 202 -8.51 23.17 -4.50
N ASP B 203 -9.07 23.99 -3.63
CA ASP B 203 -9.80 23.51 -2.46
C ASP B 203 -11.24 23.99 -2.55
N THR B 204 -12.17 23.06 -2.32
CA THR B 204 -13.62 23.35 -2.48
C THR B 204 -14.03 24.56 -1.63
N SER B 205 -14.60 25.58 -2.28
CA SER B 205 -14.89 26.81 -1.57
C SER B 205 -16.38 27.12 -1.49
N TRP B 206 -17.07 27.27 -2.63
CA TRP B 206 -18.47 27.68 -2.60
C TRP B 206 -19.09 27.49 -3.98
N GLY B 207 -20.41 27.65 -4.03
CA GLY B 207 -21.18 27.61 -5.26
C GLY B 207 -22.61 27.97 -4.95
N SER B 208 -23.37 28.26 -6.01
CA SER B 208 -24.79 28.57 -5.89
C SER B 208 -25.56 27.26 -6.03
N GLY B 209 -26.03 26.71 -4.91
CA GLY B 209 -26.68 25.42 -4.94
C GLY B 209 -25.68 24.29 -5.19
N CYS B 210 -26.20 23.19 -5.72
CA CYS B 210 -25.39 22.03 -6.07
C CYS B 210 -25.84 21.48 -7.41
N ALA B 211 -24.87 21.29 -8.31
CA ALA B 211 -25.09 20.66 -9.62
C ALA B 211 -26.12 21.41 -10.47
N LYS B 212 -26.38 22.67 -10.15
CA LYS B 212 -27.33 23.46 -10.95
C LYS B 212 -26.66 23.95 -12.22
N ALA B 213 -27.47 24.06 -13.28
CA ALA B 213 -26.96 24.57 -14.54
C ALA B 213 -26.50 26.01 -14.39
N TYR B 214 -25.35 26.32 -14.99
CA TYR B 214 -24.75 27.66 -14.98
C TYR B 214 -24.37 28.12 -13.58
N ARG B 215 -24.28 27.19 -12.63
CA ARG B 215 -23.76 27.46 -11.28
C ARG B 215 -22.79 26.36 -10.91
N PRO B 216 -21.59 26.36 -11.48
CA PRO B 216 -20.60 25.33 -11.18
C PRO B 216 -19.90 25.63 -9.85
N GLY B 217 -19.03 24.69 -9.46
CA GLY B 217 -18.30 24.87 -8.22
C GLY B 217 -17.19 25.89 -8.34
N VAL B 218 -16.97 26.62 -7.25
CA VAL B 218 -15.88 27.58 -7.15
C VAL B 218 -14.87 27.04 -6.14
N TYR B 219 -13.59 27.12 -6.50
CA TYR B 219 -12.52 26.52 -5.70
C TYR B 219 -11.43 27.55 -5.44
N GLY B 220 -10.83 27.48 -4.25
CA GLY B 220 -9.69 28.31 -3.93
C GLY B 220 -8.50 28.01 -4.82
N ASN B 221 -7.88 29.06 -5.35
CA ASN B 221 -6.77 28.89 -6.30
C ASN B 221 -5.51 28.62 -5.49
N VAL B 222 -5.20 27.33 -5.31
CA VAL B 222 -4.07 26.94 -4.47
C VAL B 222 -2.75 27.48 -5.02
N MET B 223 -2.68 27.70 -6.34
CA MET B 223 -1.47 28.26 -6.92
C MET B 223 -1.17 29.64 -6.35
N VAL B 224 -2.21 30.47 -6.17
CA VAL B 224 -2.02 31.80 -5.60
C VAL B 224 -1.61 31.71 -4.13
N PHE B 225 -2.14 30.73 -3.40
CA PHE B 225 -1.87 30.57 -1.98
C PHE B 225 -0.55 29.86 -1.70
N THR B 226 0.19 29.47 -2.75
CA THR B 226 1.39 28.66 -2.56
C THR B 226 2.44 29.41 -1.75
N ASP B 227 2.65 30.70 -2.03
CA ASP B 227 3.64 31.47 -1.27
C ASP B 227 3.28 31.52 0.21
N TRP B 228 1.99 31.74 0.51
CA TRP B 228 1.54 31.81 1.89
C TRP B 228 1.67 30.46 2.59
N ILE B 229 1.38 29.37 1.87
CA ILE B 229 1.49 28.04 2.47
C ILE B 229 2.93 27.76 2.89
N TYR B 230 3.89 28.04 2.00
CA TYR B 230 5.28 27.76 2.30
C TYR B 230 5.77 28.56 3.49
N ARG B 231 5.33 29.82 3.60
CA ARG B 231 5.75 30.66 4.72
C ARG B 231 5.21 30.13 6.05
N GLN B 232 3.97 29.66 6.07
CA GLN B 232 3.37 29.16 7.31
C GLN B 232 4.08 27.90 7.80
N MET B 233 4.27 26.92 6.90
CA MET B 233 4.98 25.70 7.27
C MET B 233 6.37 26.02 7.77
N ARG B 234 7.08 26.89 7.07
CA ARG B 234 8.43 27.30 7.47
C ARG B 234 8.42 28.03 8.80
N ALA B 235 7.48 28.96 8.97
CA ALA B 235 7.39 29.70 10.23
C ALA B 235 7.14 28.77 11.40
N ASP B 236 6.24 27.80 11.22
CA ASP B 236 6.07 26.77 12.24
C ASP B 236 7.31 25.89 12.36
N GLY B 237 8.02 25.68 11.25
CA GLY B 237 9.23 24.87 11.29
C GLY B 237 10.30 25.46 12.18
N GLU B 238 10.48 26.78 12.12
CA GLU B 238 11.40 27.49 13.01
C GLU B 238 10.88 27.58 14.43
N PHE B 239 9.68 27.06 14.68
CA PHE B 239 9.07 26.87 16.00
C PHE B 239 8.41 28.13 16.51
N VAL B 240 7.38 27.97 17.33
CA VAL B 240 6.65 29.09 17.90
C VAL B 240 6.12 28.73 19.28
N CYS C 5 3.01 -48.18 -1.54
CA CYS C 5 2.85 -48.74 -0.21
C CYS C 5 1.60 -49.60 -0.11
N SER C 6 1.81 -50.90 0.15
CA SER C 6 0.69 -51.81 0.29
C SER C 6 -0.01 -51.61 1.63
N ASN C 7 -1.29 -52.03 1.67
CA ASN C 7 -2.08 -52.04 2.90
C ASN C 7 -2.12 -50.66 3.56
N SER C 8 -2.29 -49.63 2.74
CA SER C 8 -2.45 -48.25 3.20
C SER C 8 -1.25 -47.78 4.02
N GLY C 9 -0.06 -48.20 3.61
CA GLY C 9 1.14 -47.74 4.26
C GLY C 9 1.47 -46.30 3.91
N ILE C 10 2.30 -45.68 4.75
CA ILE C 10 2.66 -44.27 4.61
C ILE C 10 4.16 -44.18 4.37
N GLU C 11 4.54 -43.53 3.27
CA GLU C 11 5.95 -43.32 2.95
C GLU C 11 6.51 -42.18 3.80
N CYS C 12 7.81 -42.27 4.10
CA CYS C 12 8.42 -41.29 4.99
C CYS C 12 8.81 -40.01 4.25
N ASP C 13 9.81 -40.10 3.37
CA ASP C 13 10.31 -38.93 2.65
C ASP C 13 10.67 -39.28 1.21
N SER C 14 9.83 -40.06 0.55
CA SER C 14 10.04 -40.52 -0.83
C SER C 14 11.32 -41.35 -1.00
N SER C 15 11.93 -41.78 0.10
CA SER C 15 13.03 -42.73 0.03
C SER C 15 12.55 -44.15 -0.23
N GLY C 16 11.23 -44.38 -0.21
CA GLY C 16 10.65 -45.69 -0.41
C GLY C 16 10.23 -46.39 0.86
N THR C 17 10.55 -45.83 2.03
CA THR C 17 10.26 -46.48 3.31
C THR C 17 8.79 -46.32 3.62
N CYS C 18 8.00 -47.35 3.30
CA CYS C 18 6.61 -47.39 3.69
C CYS C 18 6.49 -47.80 5.15
N ILE C 19 5.53 -47.18 5.85
CA ILE C 19 5.35 -47.38 7.28
C ILE C 19 3.94 -47.88 7.53
N ASN C 20 3.82 -48.91 8.36
CA ASN C 20 2.51 -49.43 8.73
C ASN C 20 1.71 -48.31 9.40
N PRO C 21 0.44 -48.11 9.01
CA PRO C 21 -0.32 -46.98 9.58
C PRO C 21 -0.50 -47.05 11.08
N SER C 22 -0.37 -48.22 11.69
CA SER C 22 -0.37 -48.32 13.15
C SER C 22 0.99 -47.97 13.75
N ASN C 23 2.02 -47.83 12.92
CA ASN C 23 3.31 -47.34 13.37
C ASN C 23 3.45 -45.83 13.23
N TRP C 24 2.44 -45.16 12.69
CA TRP C 24 2.44 -43.71 12.56
C TRP C 24 1.95 -43.10 13.86
N CYS C 25 2.76 -42.23 14.47
CA CYS C 25 2.42 -41.54 15.70
C CYS C 25 2.14 -42.54 16.84
N ASP C 26 3.11 -43.39 17.10
CA ASP C 26 3.03 -44.39 18.16
C ASP C 26 4.13 -44.24 19.20
N GLY C 27 4.83 -43.10 19.22
CA GLY C 27 5.87 -42.86 20.20
C GLY C 27 7.23 -43.42 19.83
N VAL C 28 7.34 -44.15 18.72
CA VAL C 28 8.60 -44.76 18.29
C VAL C 28 8.91 -44.26 16.89
N SER C 29 10.12 -43.77 16.69
CA SER C 29 10.55 -43.25 15.40
C SER C 29 10.90 -44.42 14.48
N HIS C 30 10.03 -44.71 13.52
CA HIS C 30 10.28 -45.78 12.56
C HIS C 30 10.93 -45.28 11.28
N CYS C 31 10.80 -43.99 10.95
CA CYS C 31 11.43 -43.45 9.76
C CYS C 31 12.85 -42.97 10.10
N PRO C 32 13.77 -43.05 9.12
CA PRO C 32 15.14 -42.58 9.39
C PRO C 32 15.20 -41.13 9.85
N GLY C 33 14.32 -40.27 9.33
CA GLY C 33 14.25 -38.88 9.72
C GLY C 33 13.20 -38.56 10.75
N GLY C 34 12.47 -39.55 11.25
CA GLY C 34 11.46 -39.30 12.26
C GLY C 34 10.18 -38.67 11.75
N GLU C 35 9.90 -38.79 10.45
CA GLU C 35 8.69 -38.18 9.89
C GLU C 35 7.41 -38.79 10.44
N ASP C 36 7.46 -40.03 10.96
CA ASP C 36 6.27 -40.66 11.49
C ASP C 36 5.90 -40.16 12.89
N GLU C 37 6.79 -39.40 13.54
CA GLU C 37 6.54 -38.94 14.90
C GLU C 37 6.60 -37.43 15.08
N ASN C 38 6.74 -36.65 14.00
CA ASN C 38 6.83 -35.20 14.11
C ASN C 38 5.74 -34.46 13.36
N ARG C 39 4.75 -35.19 12.82
CA ARG C 39 3.61 -34.57 12.10
C ARG C 39 2.33 -35.23 12.61
N CYS C 40 2.12 -35.24 13.92
CA CYS C 40 1.02 -35.94 14.54
C CYS C 40 -0.14 -35.05 14.95
N VAL C 41 0.01 -33.73 14.86
CA VAL C 41 -1.04 -32.78 15.18
C VAL C 41 -1.36 -31.99 13.93
N ARG C 42 -2.65 -31.74 13.69
CA ARG C 42 -3.07 -31.04 12.49
C ARG C 42 -4.39 -30.32 12.74
N LEU C 43 -4.61 -29.25 11.99
CA LEU C 43 -5.85 -28.50 12.01
C LEU C 43 -6.69 -28.90 10.81
N TYR C 44 -7.95 -29.26 11.05
CA TYR C 44 -8.80 -29.83 10.02
C TYR C 44 -9.95 -28.88 9.67
N GLY C 45 -10.22 -28.76 8.39
CA GLY C 45 -11.39 -28.06 7.91
C GLY C 45 -11.30 -26.56 8.04
N PRO C 46 -12.31 -25.86 7.52
CA PRO C 46 -12.31 -24.39 7.61
C PRO C 46 -12.44 -23.85 9.03
N ASN C 47 -12.90 -24.66 9.99
CA ASN C 47 -13.03 -24.22 11.37
C ASN C 47 -11.83 -24.58 12.23
N PHE C 48 -10.76 -25.12 11.63
CA PHE C 48 -9.49 -25.38 12.32
C PHE C 48 -9.69 -26.28 13.55
N ILE C 49 -10.49 -27.33 13.38
CA ILE C 49 -10.71 -28.27 14.47
C ILE C 49 -9.43 -29.09 14.67
N LEU C 50 -8.84 -28.97 15.87
CA LEU C 50 -7.60 -29.68 16.15
C LEU C 50 -7.83 -31.19 16.10
N GLN C 51 -6.96 -31.88 15.37
CA GLN C 51 -7.05 -33.32 15.22
C GLN C 51 -5.70 -33.97 15.50
N VAL C 52 -5.76 -35.20 16.00
CA VAL C 52 -4.56 -35.97 16.34
C VAL C 52 -4.69 -37.36 15.75
N TYR C 53 -3.61 -37.86 15.17
CA TYR C 53 -3.61 -39.19 14.58
C TYR C 53 -3.49 -40.24 15.67
N SER C 54 -4.31 -41.29 15.58
CA SER C 54 -4.26 -42.41 16.50
C SER C 54 -3.56 -43.57 15.82
N SER C 55 -2.44 -44.01 16.41
CA SER C 55 -1.80 -45.22 15.92
C SER C 55 -2.68 -46.44 16.16
N GLN C 56 -3.48 -46.41 17.22
CA GLN C 56 -4.36 -47.55 17.53
C GLN C 56 -5.50 -47.65 16.52
N ARG C 57 -6.16 -46.52 16.22
CA ARG C 57 -7.27 -46.51 15.28
C ARG C 57 -6.83 -46.26 13.85
N LYS C 58 -5.57 -45.93 13.62
CA LYS C 58 -5.04 -45.68 12.27
C LYS C 58 -5.86 -44.62 11.53
N SER C 59 -6.21 -43.56 12.25
CA SER C 59 -7.03 -42.50 11.66
C SER C 59 -6.85 -41.23 12.48
N TRP C 60 -7.34 -40.13 11.92
CA TRP C 60 -7.31 -38.83 12.57
C TRP C 60 -8.62 -38.60 13.32
N HIS C 61 -8.52 -38.04 14.51
CA HIS C 61 -9.72 -37.87 15.33
C HIS C 61 -9.64 -36.53 16.06
N PRO C 62 -10.78 -35.83 16.21
CA PRO C 62 -10.76 -34.50 16.85
C PRO C 62 -10.42 -34.59 18.33
N VAL C 63 -9.66 -33.60 18.80
CA VAL C 63 -9.35 -33.48 20.23
C VAL C 63 -10.57 -32.93 20.95
N CYS C 64 -10.93 -33.56 22.06
CA CYS C 64 -12.11 -33.09 22.78
C CYS C 64 -11.73 -32.07 23.83
N GLN C 65 -12.74 -31.29 24.25
CA GLN C 65 -12.52 -30.08 25.03
C GLN C 65 -12.17 -30.34 26.50
N ASP C 66 -12.36 -31.57 27.00
CA ASP C 66 -12.14 -31.81 28.42
C ASP C 66 -10.72 -31.45 28.83
N ASP C 67 -10.62 -30.66 29.91
CA ASP C 67 -9.34 -30.29 30.53
C ASP C 67 -8.43 -29.49 29.60
N TRP C 68 -8.98 -28.94 28.53
CA TRP C 68 -8.18 -28.19 27.56
C TRP C 68 -8.17 -26.71 27.93
N ASN C 69 -7.01 -26.08 27.79
CA ASN C 69 -6.84 -24.67 28.10
C ASN C 69 -5.94 -24.03 27.05
N GLU C 70 -5.72 -22.71 27.20
CA GLU C 70 -4.88 -21.99 26.26
C GLU C 70 -3.45 -22.48 26.28
N ASN C 71 -2.96 -22.93 27.44
CA ASN C 71 -1.60 -23.46 27.51
C ASN C 71 -1.47 -24.76 26.73
N TYR C 72 -2.52 -25.58 26.70
CA TYR C 72 -2.52 -26.75 25.83
C TYR C 72 -2.55 -26.35 24.36
N GLY C 73 -3.28 -25.29 24.04
CA GLY C 73 -3.28 -24.78 22.68
C GLY C 73 -1.92 -24.26 22.27
N ARG C 74 -1.23 -23.60 23.19
CA ARG C 74 0.12 -23.12 22.89
C ARG C 74 1.10 -24.27 22.71
N ALA C 75 0.92 -25.35 23.48
CA ALA C 75 1.74 -26.54 23.28
C ALA C 75 1.44 -27.21 21.94
N ALA C 76 0.16 -27.32 21.59
CA ALA C 76 -0.21 -27.91 20.31
C ALA C 76 0.31 -27.07 19.14
N CYS C 77 0.23 -25.75 19.26
CA CYS C 77 0.73 -24.86 18.22
C CYS C 77 2.24 -24.99 18.07
N ARG C 78 2.95 -25.16 19.18
CA ARG C 78 4.41 -25.35 19.10
C ARG C 78 4.71 -26.69 18.43
N ASP C 79 3.89 -27.70 18.72
CA ASP C 79 4.08 -29.01 18.09
C ASP C 79 3.85 -28.97 16.58
N MET C 80 3.09 -27.98 16.09
CA MET C 80 2.88 -27.83 14.66
C MET C 80 3.97 -27.01 13.98
N GLY C 81 4.94 -26.50 14.75
CA GLY C 81 5.99 -25.68 14.18
C GLY C 81 5.71 -24.19 14.16
N TYR C 82 4.68 -23.73 14.86
CA TYR C 82 4.33 -22.32 14.89
C TYR C 82 5.07 -21.56 16.00
N LYS C 83 5.94 -22.22 16.75
CA LYS C 83 6.80 -21.61 17.76
C LYS C 83 5.91 -20.87 18.76
N ASN C 84 6.16 -19.59 19.03
CA ASN C 84 5.39 -18.83 20.01
C ASN C 84 4.11 -18.22 19.44
N ASN C 85 3.85 -18.42 18.15
CA ASN C 85 2.64 -17.89 17.54
C ASN C 85 1.41 -18.60 18.09
N PHE C 86 0.48 -17.84 18.66
CA PHE C 86 -0.76 -18.40 19.17
C PHE C 86 -1.82 -17.30 19.11
N TYR C 87 -2.98 -17.63 18.53
CA TYR C 87 -4.07 -16.67 18.42
C TYR C 87 -5.24 -17.04 19.32
N SER C 88 -5.79 -18.25 19.19
CA SER C 88 -7.00 -18.58 19.93
C SER C 88 -7.15 -20.10 20.02
N SER C 89 -7.91 -20.53 21.02
CA SER C 89 -8.30 -21.93 21.18
C SER C 89 -9.66 -21.95 21.86
N GLN C 90 -10.67 -22.48 21.19
CA GLN C 90 -12.03 -22.44 21.67
C GLN C 90 -12.70 -23.79 21.49
N GLY C 91 -13.76 -24.01 22.26
CA GLY C 91 -14.54 -25.23 22.14
C GLY C 91 -15.74 -25.05 21.23
N ILE C 92 -15.97 -26.05 20.38
CA ILE C 92 -17.04 -26.03 19.39
C ILE C 92 -18.00 -27.16 19.71
N VAL C 93 -19.29 -26.83 19.86
CA VAL C 93 -20.30 -27.83 20.16
C VAL C 93 -20.48 -28.79 19.00
N SER C 98 -15.92 -37.59 13.43
CA SER C 98 -16.22 -38.96 13.86
C SER C 98 -16.73 -38.99 15.28
N THR C 99 -17.40 -40.09 15.63
CA THR C 99 -17.82 -40.29 17.01
C THR C 99 -16.67 -40.64 17.93
N SER C 100 -15.45 -40.71 17.40
CA SER C 100 -14.25 -40.87 18.19
C SER C 100 -13.68 -39.50 18.54
N PHE C 101 -13.09 -39.42 19.73
CA PHE C 101 -12.41 -38.20 20.18
C PHE C 101 -11.09 -38.61 20.81
N MET C 102 -10.15 -37.67 20.81
CA MET C 102 -8.91 -37.80 21.55
C MET C 102 -9.07 -37.06 22.87
N LYS C 103 -9.08 -37.81 23.97
CA LYS C 103 -9.30 -37.23 25.29
C LYS C 103 -7.96 -37.02 25.99
N LEU C 104 -7.82 -35.88 26.66
CA LEU C 104 -6.55 -35.49 27.23
C LEU C 104 -6.30 -36.19 28.56
N ASN C 105 -5.07 -36.70 28.73
CA ASN C 105 -4.65 -37.33 30.00
C ASN C 105 -3.96 -36.26 30.85
N THR C 106 -4.60 -35.83 31.93
CA THR C 106 -4.09 -34.73 32.73
C THR C 106 -2.72 -35.05 33.31
N SER C 107 -2.54 -36.26 33.84
CA SER C 107 -1.27 -36.68 34.43
C SER C 107 -0.46 -37.40 33.37
N ALA C 108 0.25 -36.63 32.55
CA ALA C 108 1.05 -37.18 31.45
C ALA C 108 2.50 -36.77 31.46
N GLY C 109 2.87 -35.69 32.14
CA GLY C 109 4.27 -35.29 32.22
C GLY C 109 4.66 -34.32 31.12
N ASN C 110 5.97 -34.27 30.86
CA ASN C 110 6.54 -33.40 29.84
C ASN C 110 6.74 -34.20 28.57
N VAL C 111 5.68 -34.30 27.75
CA VAL C 111 5.72 -34.97 26.46
C VAL C 111 4.93 -34.12 25.47
N ASP C 112 4.99 -34.52 24.20
CA ASP C 112 4.26 -33.82 23.16
C ASP C 112 2.75 -34.03 23.34
N ILE C 113 1.98 -33.26 22.58
CA ILE C 113 0.52 -33.28 22.71
C ILE C 113 -0.02 -34.65 22.30
N TYR C 114 0.46 -35.20 21.18
CA TYR C 114 -0.05 -36.47 20.70
C TYR C 114 0.27 -37.63 21.64
N LYS C 115 1.29 -37.48 22.48
CA LYS C 115 1.62 -38.47 23.49
C LYS C 115 0.81 -38.28 24.78
N LYS C 116 -0.07 -37.29 24.83
CA LYS C 116 -0.89 -37.01 26.00
C LYS C 116 -2.36 -37.36 25.82
N LEU C 117 -2.72 -37.96 24.68
CA LEU C 117 -4.12 -38.19 24.34
C LEU C 117 -4.40 -39.67 24.13
N TYR C 118 -5.65 -40.05 24.37
CA TYR C 118 -6.08 -41.43 24.18
C TYR C 118 -7.46 -41.46 23.55
N HIS C 119 -7.79 -42.60 22.97
CA HIS C 119 -9.07 -42.79 22.29
C HIS C 119 -10.22 -42.78 23.30
N SER C 120 -11.34 -42.18 22.90
CA SER C 120 -12.55 -42.18 23.72
C SER C 120 -13.79 -42.07 22.85
N CYS C 123 -17.29 -37.84 24.58
CA CYS C 123 -16.69 -37.19 25.73
C CYS C 123 -17.69 -36.27 26.43
N SER C 124 -17.49 -36.06 27.74
CA SER C 124 -18.43 -35.29 28.54
C SER C 124 -18.52 -33.84 28.10
N SER C 125 -17.53 -33.34 27.37
CA SER C 125 -17.56 -31.94 26.94
C SER C 125 -18.71 -31.67 25.98
N LYS C 126 -18.96 -32.59 25.05
CA LYS C 126 -19.78 -32.37 23.86
C LYS C 126 -19.18 -31.31 22.95
N ALA C 127 -17.90 -30.99 23.14
CA ALA C 127 -17.24 -29.94 22.39
C ALA C 127 -15.86 -30.40 21.96
N VAL C 128 -15.43 -29.94 20.78
CA VAL C 128 -14.11 -30.23 20.25
C VAL C 128 -13.30 -28.93 20.23
N VAL C 129 -11.98 -29.09 20.19
CA VAL C 129 -11.07 -27.96 20.26
C VAL C 129 -10.94 -27.34 18.87
N SER C 130 -11.20 -26.04 18.78
CA SER C 130 -10.87 -25.24 17.61
C SER C 130 -9.64 -24.40 17.94
N LEU C 131 -8.55 -24.62 17.22
CA LEU C 131 -7.26 -24.02 17.54
C LEU C 131 -6.75 -23.22 16.36
N ARG C 132 -6.30 -22.01 16.63
CA ARG C 132 -5.74 -21.12 15.61
C ARG C 132 -4.41 -20.58 16.14
N CYS C 133 -3.31 -21.00 15.51
CA CYS C 133 -1.99 -20.55 15.92
C CYS C 133 -1.64 -19.16 15.38
N ILE C 134 -2.27 -18.75 14.28
CA ILE C 134 -2.01 -17.46 13.67
C ILE C 134 -3.34 -16.93 13.14
N ALA C 135 -3.52 -15.61 13.23
CA ALA C 135 -4.69 -14.95 12.66
C ALA C 135 -4.38 -14.66 11.21
N CYS C 136 -4.76 -15.59 10.33
CA CYS C 136 -4.40 -15.52 8.92
C CYS C 136 -5.66 -15.55 8.06
N GLY C 137 -5.48 -15.28 6.77
CA GLY C 137 -6.55 -15.42 5.81
C GLY C 137 -7.62 -14.36 5.88
N VAL C 138 -7.27 -13.14 6.30
CA VAL C 138 -8.21 -12.04 6.37
C VAL C 138 -7.64 -10.87 5.57
N ASN C 139 -8.47 -10.34 4.65
CA ASN C 139 -8.17 -9.08 3.91
C ASN C 139 -9.48 -8.31 4.05
N LEU C 140 -10.62 -8.91 3.67
CA LEU C 140 -11.94 -8.36 3.92
C LEU C 140 -12.90 -9.41 4.46
N ASN C 141 -12.53 -10.68 4.41
CA ASN C 141 -13.34 -11.78 4.92
C ASN C 141 -12.45 -12.79 5.65
N ILE D 1 1.29 -10.67 -14.09
CA ILE D 1 -0.10 -11.06 -14.34
C ILE D 1 -0.57 -10.54 -15.68
N VAL D 2 -1.01 -11.45 -16.56
CA VAL D 2 -1.53 -11.10 -17.87
C VAL D 2 -3.06 -11.19 -17.81
N GLY D 3 -3.73 -10.17 -18.33
CA GLY D 3 -5.18 -10.18 -18.38
C GLY D 3 -5.88 -9.90 -17.07
N GLY D 4 -5.14 -9.45 -16.06
CA GLY D 4 -5.70 -9.13 -14.76
C GLY D 4 -6.06 -7.67 -14.61
N GLU D 5 -6.00 -7.19 -13.37
CA GLU D 5 -6.29 -5.79 -13.07
C GLU D 5 -5.39 -5.33 -11.94
N SER D 6 -5.22 -4.00 -11.86
CA SER D 6 -4.41 -3.43 -10.79
C SER D 6 -5.06 -3.69 -9.44
N ALA D 7 -4.25 -4.11 -8.47
CA ALA D 7 -4.77 -4.53 -7.18
C ALA D 7 -5.00 -3.33 -6.27
N LEU D 8 -5.93 -3.51 -5.31
CA LEU D 8 -6.24 -2.52 -4.28
C LEU D 8 -5.26 -2.66 -3.12
N PRO D 9 -5.01 -1.56 -2.40
CA PRO D 9 -4.21 -1.67 -1.17
C PRO D 9 -4.91 -2.54 -0.15
N GLY D 10 -4.17 -3.47 0.45
CA GLY D 10 -4.72 -4.35 1.50
C GLY D 10 -5.44 -5.56 0.95
N ALA D 11 -5.63 -5.63 -0.36
CA ALA D 11 -6.38 -6.76 -0.92
C ALA D 11 -5.61 -8.06 -0.76
N TRP D 12 -4.29 -8.02 -0.90
CA TRP D 12 -3.44 -9.21 -0.82
C TRP D 12 -2.30 -8.92 0.15
N PRO D 13 -2.61 -8.83 1.44
CA PRO D 13 -1.60 -8.40 2.43
C PRO D 13 -0.49 -9.41 2.65
N TRP D 14 -0.66 -10.66 2.20
CA TRP D 14 0.39 -11.67 2.31
C TRP D 14 1.40 -11.60 1.17
N GLN D 15 1.07 -10.89 0.10
CA GLN D 15 1.97 -10.79 -1.04
C GLN D 15 3.22 -10.00 -0.66
N VAL D 16 4.39 -10.52 -1.05
CA VAL D 16 5.65 -9.82 -0.86
C VAL D 16 6.39 -9.79 -2.19
N SER D 17 7.22 -8.77 -2.35
CA SER D 17 8.13 -8.67 -3.48
C SER D 17 9.54 -9.00 -3.00
N LEU D 18 10.18 -9.97 -3.64
CA LEU D 18 11.50 -10.42 -3.26
C LEU D 18 12.53 -9.80 -4.21
N HIS D 19 13.53 -9.14 -3.64
CA HIS D 19 14.44 -8.29 -4.40
C HIS D 19 15.87 -8.80 -4.31
N VAL D 20 16.56 -8.78 -5.44
CA VAL D 20 17.99 -9.00 -5.52
C VAL D 20 18.59 -7.89 -6.38
N GLN D 21 19.66 -7.28 -5.89
CA GLN D 21 20.32 -6.16 -6.60
C GLN D 21 19.35 -5.02 -6.86
N ASN D 22 18.56 -4.66 -5.85
CA ASN D 22 17.61 -3.54 -5.92
C ASN D 22 16.60 -3.74 -7.05
N VAL D 23 16.23 -4.98 -7.34
CA VAL D 23 15.37 -5.32 -8.46
C VAL D 23 14.46 -6.47 -8.08
N HIS D 24 13.19 -6.38 -8.47
CA HIS D 24 12.24 -7.45 -8.18
C HIS D 24 12.57 -8.70 -8.97
N VAL D 25 12.59 -9.84 -8.29
CA VAL D 25 12.89 -11.13 -8.88
C VAL D 25 11.70 -12.08 -8.83
N CYS D 26 11.17 -12.22 -7.63
CA CYS D 26 10.02 -13.20 -7.47
CA CYS D 26 9.99 -13.11 -7.44
C CYS D 26 9.03 -12.66 -6.31
N GLY D 27 7.85 -13.24 -6.40
CA GLY D 27 6.89 -12.97 -5.36
C GLY D 27 6.99 -14.00 -4.24
N GLY D 28 6.12 -13.83 -3.24
CA GLY D 28 6.10 -14.74 -2.12
C GLY D 28 4.89 -14.49 -1.26
N SER D 29 4.68 -15.38 -0.29
CA SER D 29 3.49 -15.34 0.55
C SER D 29 3.89 -15.43 2.02
N ILE D 30 3.38 -14.51 2.83
CA ILE D 30 3.60 -14.54 4.27
C ILE D 30 2.71 -15.61 4.88
N ILE D 31 3.29 -16.45 5.73
CA ILE D 31 2.52 -17.46 6.42
C ILE D 31 2.67 -17.27 7.93
N THR D 32 3.80 -16.71 8.37
CA THR D 32 4.05 -16.36 9.75
C THR D 32 4.78 -15.01 9.78
N PRO D 33 4.98 -14.40 10.96
CA PRO D 33 5.80 -13.18 10.99
C PRO D 33 7.23 -13.38 10.50
N GLU D 34 7.71 -14.62 10.44
CA GLU D 34 9.10 -14.88 10.04
C GLU D 34 9.24 -15.66 8.74
N TRP D 35 8.20 -16.36 8.30
CA TRP D 35 8.34 -17.34 7.23
C TRP D 35 7.57 -16.91 5.98
N ILE D 36 8.19 -17.14 4.82
CA ILE D 36 7.64 -16.76 3.53
C ILE D 36 7.73 -17.96 2.59
N VAL D 37 6.64 -18.23 1.87
CA VAL D 37 6.60 -19.31 0.90
C VAL D 37 6.89 -18.74 -0.48
N THR D 38 7.89 -19.29 -1.16
CA THR D 38 8.26 -18.87 -2.50
C THR D 38 8.60 -20.12 -3.31
N ALA D 39 9.14 -19.91 -4.51
CA ALA D 39 9.43 -20.99 -5.44
C ALA D 39 10.91 -21.37 -5.39
N ALA D 40 11.17 -22.67 -5.49
CA ALA D 40 12.54 -23.16 -5.40
C ALA D 40 13.38 -22.69 -6.59
N HIS D 41 12.78 -22.60 -7.78
CA HIS D 41 13.52 -22.16 -8.95
C HIS D 41 13.95 -20.71 -8.85
N CYS D 42 13.38 -19.93 -7.95
CA CYS D 42 13.85 -18.52 -7.76
C CYS D 42 15.15 -18.48 -6.95
N VAL D 43 15.41 -19.50 -6.13
CA VAL D 43 16.58 -19.49 -5.26
C VAL D 43 17.63 -20.52 -5.71
N GLU D 44 17.61 -20.91 -6.99
CA GLU D 44 18.70 -21.73 -7.50
C GLU D 44 20.00 -20.93 -7.46
N LYS D 45 21.11 -21.67 -7.46
CA LYS D 45 22.41 -21.03 -7.43
C LYS D 45 22.56 -20.09 -8.63
N PRO D 46 23.16 -18.92 -8.46
CA PRO D 46 23.85 -18.42 -7.26
C PRO D 46 22.95 -17.71 -6.26
N LEU D 47 21.63 -17.67 -6.47
CA LEU D 47 20.73 -16.93 -5.61
C LEU D 47 20.22 -17.75 -4.42
N ASN D 48 20.93 -18.82 -4.04
CA ASN D 48 20.53 -19.61 -2.88
C ASN D 48 21.05 -19.05 -1.56
N ASN D 49 22.03 -18.17 -1.61
CA ASN D 49 22.50 -17.52 -0.36
C ASN D 49 21.47 -16.48 0.10
N PRO D 50 21.07 -16.46 1.38
CA PRO D 50 20.02 -15.57 1.85
C PRO D 50 20.37 -14.07 1.86
N TRP D 51 21.66 -13.75 1.83
CA TRP D 51 22.10 -12.34 1.94
C TRP D 51 21.67 -11.54 0.72
N HIS D 52 21.52 -12.19 -0.41
CA HIS D 52 21.17 -11.48 -1.67
C HIS D 52 19.68 -11.12 -1.68
N TRP D 53 18.92 -11.52 -0.67
CA TRP D 53 17.48 -11.38 -0.76
C TRP D 53 16.94 -10.33 0.20
N THR D 54 15.96 -9.56 -0.28
CA THR D 54 15.23 -8.60 0.52
C THR D 54 13.74 -8.74 0.21
N ALA D 55 12.91 -8.71 1.25
CA ALA D 55 11.47 -8.88 1.12
C ALA D 55 10.77 -7.57 1.43
N PHE D 56 9.77 -7.25 0.59
CA PHE D 56 8.97 -6.02 0.76
C PHE D 56 7.50 -6.38 0.94
N ALA D 57 6.91 -6.03 2.08
CA ALA D 57 5.53 -6.35 2.39
C ALA D 57 4.72 -5.08 2.60
N GLY D 58 3.44 -5.15 2.23
CA GLY D 58 2.53 -4.05 2.44
C GLY D 58 2.71 -2.88 1.51
N ILE D 59 3.48 -3.02 0.44
CA ILE D 59 3.77 -1.94 -0.50
C ILE D 59 3.26 -2.35 -1.88
N LEU D 60 2.44 -1.49 -2.49
CA LEU D 60 1.80 -1.80 -3.76
C LEU D 60 2.67 -1.48 -4.97
N ARG D 61 3.63 -0.56 -4.84
CA ARG D 61 4.38 -0.07 -5.98
C ARG D 61 5.87 -0.39 -5.82
N GLN D 62 6.50 -0.82 -6.91
CA GLN D 62 7.93 -1.08 -6.90
C GLN D 62 8.72 0.19 -6.62
N SER D 63 8.24 1.34 -7.11
CA SER D 63 8.92 2.60 -6.87
C SER D 63 8.94 2.98 -5.40
N PHE D 64 8.00 2.46 -4.60
CA PHE D 64 7.94 2.78 -3.18
C PHE D 64 8.63 1.76 -2.30
N MET D 65 9.28 0.78 -2.91
CA MET D 65 10.07 -0.21 -2.14
C MET D 65 11.45 0.39 -1.88
N PHE D 66 11.48 1.51 -1.17
CA PHE D 66 12.72 2.17 -0.83
C PHE D 66 13.62 1.22 -0.06
N TYR D 67 14.90 1.56 0.01
CA TYR D 67 15.86 0.63 0.60
C TYR D 67 15.52 0.30 2.04
N GLY D 68 15.17 1.30 2.84
CA GLY D 68 14.94 1.08 4.26
C GLY D 68 13.67 0.35 4.62
N ALA D 69 12.77 0.17 3.66
CA ALA D 69 11.52 -0.53 3.92
C ALA D 69 11.65 -2.04 3.84
N GLY D 70 12.77 -2.56 3.34
CA GLY D 70 12.89 -3.99 3.13
C GLY D 70 13.27 -4.76 4.38
N TYR D 71 13.03 -6.06 4.32
CA TYR D 71 13.41 -7.00 5.37
C TYR D 71 14.47 -7.94 4.80
N GLN D 72 15.62 -8.01 5.46
CA GLN D 72 16.69 -8.89 5.02
C GLN D 72 16.33 -10.34 5.31
N VAL D 73 16.55 -11.22 4.33
CA VAL D 73 16.22 -12.63 4.48
C VAL D 73 17.36 -13.33 5.22
N GLU D 74 17.00 -14.08 6.26
CA GLU D 74 17.98 -14.78 7.09
C GLU D 74 18.28 -16.19 6.59
N LYS D 75 17.29 -16.90 6.06
CA LYS D 75 17.45 -18.32 5.74
C LYS D 75 16.66 -18.66 4.48
N VAL D 76 17.28 -19.41 3.59
CA VAL D 76 16.64 -19.94 2.39
C VAL D 76 16.72 -21.46 2.44
N ILE D 77 15.58 -22.12 2.30
CA ILE D 77 15.48 -23.58 2.33
C ILE D 77 14.73 -24.03 1.09
N SER D 78 15.46 -24.53 0.10
CA SER D 78 14.82 -25.17 -1.04
C SER D 78 14.27 -26.53 -0.63
N HIS D 79 13.26 -27.00 -1.36
CA HIS D 79 12.71 -28.32 -1.10
C HIS D 79 13.78 -29.38 -1.39
N PRO D 80 13.93 -30.38 -0.52
CA PRO D 80 15.00 -31.37 -0.73
C PRO D 80 14.87 -32.14 -2.03
N ASN D 81 13.65 -32.31 -2.54
CA ASN D 81 13.41 -33.09 -3.76
C ASN D 81 13.03 -32.20 -4.94
N TYR D 82 13.49 -30.95 -4.94
CA TYR D 82 13.21 -30.07 -6.06
C TYR D 82 14.00 -30.50 -7.29
N ASP D 83 13.31 -30.66 -8.42
CA ASP D 83 13.94 -31.04 -9.68
C ASP D 83 13.85 -29.84 -10.62
N SER D 84 14.99 -29.22 -10.89
CA SER D 84 14.98 -28.00 -11.70
C SER D 84 14.59 -28.28 -13.15
N LYS D 85 14.83 -29.50 -13.64
CA LYS D 85 14.47 -29.83 -15.01
C LYS D 85 12.96 -29.97 -15.16
N THR D 86 12.32 -30.72 -14.27
CA THR D 86 10.88 -30.97 -14.34
C THR D 86 10.06 -30.01 -13.49
N LYS D 87 10.72 -29.15 -12.70
CA LYS D 87 10.05 -28.22 -11.80
C LYS D 87 9.21 -28.93 -10.74
N ASN D 88 9.51 -30.21 -10.47
CA ASN D 88 8.81 -30.93 -9.42
C ASN D 88 9.29 -30.45 -8.05
N ASN D 89 8.34 -30.32 -7.11
CA ASN D 89 8.60 -29.80 -5.78
C ASN D 89 9.23 -28.40 -5.84
N ASP D 90 8.63 -27.54 -6.65
CA ASP D 90 9.11 -26.17 -6.83
C ASP D 90 8.57 -25.31 -5.69
N ILE D 91 9.23 -25.42 -4.54
CA ILE D 91 8.86 -24.62 -3.37
C ILE D 91 10.11 -24.40 -2.53
N ALA D 92 10.19 -23.21 -1.93
CA ALA D 92 11.25 -22.87 -1.00
C ALA D 92 10.68 -21.99 0.10
N LEU D 93 11.34 -22.01 1.26
CA LEU D 93 10.95 -21.20 2.40
C LEU D 93 12.01 -20.15 2.66
N MET D 94 11.56 -18.95 3.05
CA MET D 94 12.45 -17.84 3.37
C MET D 94 12.16 -17.36 4.77
N LYS D 95 13.20 -17.23 5.58
CA LYS D 95 13.10 -16.74 6.95
C LYS D 95 13.75 -15.37 7.06
N LEU D 96 13.06 -14.45 7.74
CA LEU D 96 13.53 -13.09 7.89
C LEU D 96 14.36 -12.93 9.16
N GLN D 97 15.35 -12.03 9.09
CA GLN D 97 16.13 -11.72 10.29
C GLN D 97 15.25 -11.10 11.36
N LYS D 98 14.36 -10.19 10.97
CA LYS D 98 13.45 -9.52 11.88
C LYS D 98 12.01 -9.90 11.55
N PRO D 99 11.22 -10.31 12.53
CA PRO D 99 9.82 -10.67 12.25
C PRO D 99 9.03 -9.47 11.73
N LEU D 100 8.10 -9.75 10.82
CA LEU D 100 7.22 -8.72 10.30
C LEU D 100 6.27 -8.22 11.39
N THR D 101 5.87 -6.97 11.27
CA THR D 101 4.81 -6.40 12.11
C THR D 101 3.53 -6.38 11.29
N PHE D 102 2.51 -7.09 11.77
CA PHE D 102 1.26 -7.20 11.02
C PHE D 102 0.39 -5.97 11.26
N ASN D 103 -0.19 -5.47 10.18
CA ASN D 103 -1.02 -4.27 10.22
C ASN D 103 -2.09 -4.41 9.14
N ASP D 104 -2.72 -3.29 8.78
CA ASP D 104 -3.79 -3.31 7.79
C ASP D 104 -3.31 -3.76 6.42
N LEU D 105 -2.01 -3.63 6.13
CA LEU D 105 -1.48 -3.95 4.82
C LEU D 105 -0.57 -5.18 4.79
N VAL D 106 -0.18 -5.70 5.96
CA VAL D 106 0.70 -6.85 6.06
C VAL D 106 0.01 -7.89 6.94
N LYS D 107 -0.48 -8.96 6.33
CA LYS D 107 -1.18 -10.02 7.04
C LYS D 107 -0.78 -11.36 6.45
N PRO D 108 -0.80 -12.42 7.25
CA PRO D 108 -0.46 -13.75 6.73
C PRO D 108 -1.66 -14.44 6.10
N VAL D 109 -1.36 -15.30 5.12
CA VAL D 109 -2.35 -16.16 4.50
C VAL D 109 -2.26 -17.54 5.16
N CYS D 110 -3.40 -18.19 5.32
CA CYS D 110 -3.46 -19.47 6.02
C CYS D 110 -2.95 -20.60 5.13
N LEU D 111 -2.12 -21.47 5.70
CA LEU D 111 -1.74 -22.69 5.03
C LEU D 111 -2.98 -23.58 4.89
N PRO D 112 -3.08 -24.36 3.81
CA PRO D 112 -4.28 -25.16 3.59
C PRO D 112 -4.37 -26.31 4.59
N ASN D 113 -5.57 -26.59 5.01
CA ASN D 113 -5.89 -27.68 5.92
C ASN D 113 -6.41 -28.89 5.16
N PRO D 114 -6.21 -30.10 5.67
CA PRO D 114 -6.90 -31.25 5.07
C PRO D 114 -8.39 -31.16 5.32
N GLY D 115 -9.17 -31.69 4.39
CA GLY D 115 -10.61 -31.62 4.49
C GLY D 115 -11.21 -30.30 4.07
N MET D 116 -10.57 -29.58 3.15
CA MET D 116 -11.19 -28.42 2.51
C MET D 116 -11.84 -28.89 1.22
N MET D 117 -13.17 -28.77 1.17
CA MET D 117 -13.97 -29.33 0.05
C MET D 117 -13.97 -28.39 -1.15
N LEU D 118 -12.81 -28.16 -1.73
CA LEU D 118 -12.70 -27.31 -2.91
C LEU D 118 -13.32 -28.00 -4.11
N GLN D 119 -13.98 -27.20 -4.96
CA GLN D 119 -14.56 -27.72 -6.18
C GLN D 119 -13.47 -28.04 -7.21
N PRO D 120 -13.74 -28.93 -8.15
CA PRO D 120 -12.74 -29.23 -9.19
C PRO D 120 -12.30 -28.01 -9.99
N GLU D 121 -13.19 -27.05 -10.22
CA GLU D 121 -12.84 -25.83 -10.95
C GLU D 121 -12.97 -24.64 -10.01
N GLN D 122 -12.40 -24.79 -8.81
CA GLN D 122 -12.57 -23.79 -7.76
C GLN D 122 -12.02 -22.43 -8.19
N LEU D 123 -12.73 -21.37 -7.79
CA LEU D 123 -12.33 -20.01 -8.14
C LEU D 123 -11.17 -19.55 -7.26
N CYS D 124 -10.13 -19.01 -7.90
CA CYS D 124 -8.92 -18.62 -7.19
C CYS D 124 -8.45 -17.26 -7.68
N TRP D 125 -7.41 -16.75 -7.03
CA TRP D 125 -6.78 -15.47 -7.37
C TRP D 125 -5.26 -15.64 -7.42
N ILE D 126 -4.64 -14.94 -8.36
CA ILE D 126 -3.18 -14.84 -8.44
C ILE D 126 -2.81 -13.37 -8.39
N SER D 127 -1.64 -13.08 -7.82
CA SER D 127 -1.16 -11.70 -7.72
C SER D 127 0.35 -11.68 -7.89
N GLY D 128 0.86 -10.53 -8.30
CA GLY D 128 2.29 -10.33 -8.42
C GLY D 128 2.61 -9.13 -9.29
N TRP D 129 3.89 -8.74 -9.25
CA TRP D 129 4.40 -7.68 -10.09
C TRP D 129 5.01 -8.20 -11.40
N GLY D 130 4.58 -9.37 -11.84
CA GLY D 130 5.14 -9.94 -13.05
C GLY D 130 4.70 -9.19 -14.29
N ALA D 131 5.31 -9.57 -15.41
CA ALA D 131 5.02 -8.92 -16.68
C ALA D 131 3.56 -9.16 -17.07
N THR D 132 2.97 -8.13 -17.68
CA THR D 132 1.61 -8.21 -18.21
C THR D 132 1.58 -8.72 -19.64
N GLU D 133 2.73 -9.07 -20.21
CA GLU D 133 2.82 -9.67 -21.53
C GLU D 133 4.07 -10.54 -21.56
N GLU D 134 4.09 -11.47 -22.50
CA GLU D 134 5.27 -12.33 -22.66
C GLU D 134 6.49 -11.44 -22.91
N LYS D 135 7.59 -11.74 -22.22
CA LYS D 135 8.85 -11.01 -22.33
C LYS D 135 8.71 -9.54 -21.97
N GLY D 136 7.68 -9.19 -21.20
CA GLY D 136 7.50 -7.84 -20.72
C GLY D 136 8.34 -7.56 -19.49
N LYS D 137 8.31 -6.30 -19.05
CA LYS D 137 9.07 -5.88 -17.89
C LYS D 137 8.23 -6.01 -16.62
N THR D 138 8.90 -5.90 -15.48
CA THR D 138 8.23 -5.97 -14.19
C THR D 138 7.18 -4.88 -14.06
N SER D 139 6.01 -5.25 -13.58
CA SER D 139 4.94 -4.28 -13.38
C SER D 139 5.28 -3.34 -12.22
N GLU D 140 5.00 -2.06 -12.40
CA GLU D 140 5.19 -1.11 -11.31
C GLU D 140 4.17 -1.34 -10.20
N VAL D 141 2.92 -1.58 -10.55
CA VAL D 141 1.82 -1.72 -9.60
C VAL D 141 1.47 -3.20 -9.47
N LEU D 142 1.19 -3.63 -8.24
CA LEU D 142 0.73 -5.00 -8.02
C LEU D 142 -0.54 -5.27 -8.82
N ASN D 143 -0.55 -6.38 -9.54
CA ASN D 143 -1.69 -6.81 -10.32
C ASN D 143 -2.29 -8.07 -9.72
N ALA D 144 -3.53 -8.35 -10.11
CA ALA D 144 -4.22 -9.54 -9.64
C ALA D 144 -5.22 -9.98 -10.70
N ALA D 145 -5.59 -11.27 -10.65
CA ALA D 145 -6.51 -11.82 -11.62
C ALA D 145 -7.22 -13.02 -11.01
N LYS D 146 -8.38 -13.34 -11.60
CA LYS D 146 -9.16 -14.50 -11.21
C LYS D 146 -8.83 -15.67 -12.12
N VAL D 147 -8.56 -16.82 -11.53
CA VAL D 147 -8.31 -18.04 -12.27
C VAL D 147 -9.11 -19.18 -11.65
N LEU D 148 -9.43 -20.18 -12.47
CA LEU D 148 -10.12 -21.38 -12.02
C LEU D 148 -9.12 -22.53 -11.97
N LEU D 149 -9.31 -23.42 -10.99
CA LEU D 149 -8.53 -24.65 -10.97
C LEU D 149 -8.88 -25.50 -12.19
N ILE D 150 -7.86 -26.15 -12.75
CA ILE D 150 -8.03 -27.09 -13.85
C ILE D 150 -7.64 -28.46 -13.34
N GLU D 151 -8.56 -29.43 -13.47
CA GLU D 151 -8.31 -30.77 -12.98
C GLU D 151 -7.02 -31.32 -13.60
N THR D 152 -6.19 -31.93 -12.75
CA THR D 152 -4.87 -32.38 -13.21
C THR D 152 -5.00 -33.41 -14.32
N GLN D 153 -6.00 -34.30 -14.22
CA GLN D 153 -6.26 -35.24 -15.30
C GLN D 153 -6.48 -34.52 -16.62
N ARG D 154 -7.15 -33.37 -16.58
CA ARG D 154 -7.33 -32.56 -17.79
C ARG D 154 -6.06 -31.80 -18.17
N CYS D 155 -5.35 -31.24 -17.18
CA CYS D 155 -4.11 -30.52 -17.48
C CYS D 155 -3.02 -31.44 -18.01
N ASN D 156 -3.11 -32.74 -17.74
CA ASN D 156 -2.13 -33.70 -18.22
C ASN D 156 -2.46 -34.24 -19.61
N SER D 157 -3.50 -33.70 -20.22
CA SER D 157 -3.89 -34.12 -21.59
C SER D 157 -2.71 -33.99 -22.54
N ARG D 158 -2.69 -34.81 -23.60
CA ARG D 158 -1.55 -34.84 -24.51
C ARG D 158 -1.32 -33.49 -25.18
N TYR D 159 -2.42 -32.72 -25.24
CA TYR D 159 -2.45 -31.41 -25.95
C TYR D 159 -2.47 -30.21 -25.01
N VAL D 160 -2.09 -30.38 -23.75
CA VAL D 160 -1.97 -29.24 -22.83
C VAL D 160 -0.57 -29.25 -22.24
N TYR D 161 -0.24 -30.31 -21.49
CA TYR D 161 1.09 -30.44 -20.91
C TYR D 161 1.61 -31.87 -20.94
N ASP D 162 0.86 -32.81 -21.51
CA ASP D 162 1.36 -34.13 -21.92
C ASP D 162 2.12 -34.83 -20.79
N ASN D 163 1.41 -35.03 -19.68
CA ASN D 163 1.89 -35.81 -18.54
C ASN D 163 3.07 -35.18 -17.80
N LEU D 164 3.26 -33.87 -17.90
CA LEU D 164 4.28 -33.19 -17.12
C LEU D 164 3.79 -32.71 -15.77
N ILE D 165 2.50 -32.81 -15.48
CA ILE D 165 1.94 -32.29 -14.24
C ILE D 165 2.00 -33.41 -13.19
N THR D 166 2.93 -33.28 -12.26
CA THR D 166 3.15 -34.26 -11.20
C THR D 166 2.21 -33.99 -10.05
N PRO D 167 2.10 -34.92 -9.08
CA PRO D 167 1.24 -34.67 -7.92
C PRO D 167 1.65 -33.46 -7.09
N ALA D 168 2.92 -33.03 -7.18
CA ALA D 168 3.37 -31.87 -6.44
C ALA D 168 3.03 -30.55 -7.13
N MET D 169 2.21 -30.59 -8.18
CA MET D 169 1.77 -29.38 -8.87
C MET D 169 0.27 -29.42 -9.09
N ILE D 170 -0.30 -28.24 -9.27
CA ILE D 170 -1.68 -28.07 -9.69
C ILE D 170 -1.73 -27.02 -10.79
N CYS D 171 -2.74 -27.13 -11.65
CA CYS D 171 -2.92 -26.20 -12.75
C CYS D 171 -4.06 -25.25 -12.44
N ALA D 172 -3.90 -23.99 -12.84
CA ALA D 172 -4.95 -22.99 -12.67
C ALA D 172 -4.88 -22.00 -13.83
N GLY D 173 -6.02 -21.38 -14.12
CA GLY D 173 -6.11 -20.46 -15.24
C GLY D 173 -7.28 -20.77 -16.15
N PHE D 174 -7.08 -20.60 -17.45
CA PHE D 174 -8.11 -20.87 -18.43
C PHE D 174 -7.49 -21.57 -19.64
N LEU D 175 -8.16 -22.61 -20.12
CA LEU D 175 -7.65 -23.34 -21.28
C LEU D 175 -7.61 -22.47 -22.54
N GLN D 176 -8.45 -21.43 -22.61
CA GLN D 176 -8.37 -20.46 -23.69
C GLN D 176 -7.30 -19.41 -23.47
N GLY D 177 -6.74 -19.33 -22.26
CA GLY D 177 -5.69 -18.36 -21.99
C GLY D 177 -6.25 -16.98 -21.66
N ASN D 178 -5.49 -15.96 -22.08
CA ASN D 178 -5.84 -14.54 -21.97
C ASN D 178 -5.74 -14.03 -20.54
N VAL D 179 -5.58 -14.93 -19.58
CA VAL D 179 -5.45 -14.59 -18.16
C VAL D 179 -4.52 -15.59 -17.52
N ASP D 180 -3.39 -15.13 -16.99
CA ASP D 180 -2.35 -16.03 -16.54
C ASP D 180 -1.35 -15.27 -15.69
N SER D 181 -0.50 -16.03 -15.00
CA SER D 181 0.70 -15.45 -14.41
C SER D 181 1.79 -15.37 -15.48
N CYS D 182 2.90 -14.72 -15.13
CA CYS D 182 3.98 -14.52 -16.09
C CYS D 182 5.28 -14.33 -15.32
N GLN D 183 6.36 -14.14 -16.06
CA GLN D 183 7.68 -13.97 -15.46
C GLN D 183 7.67 -12.83 -14.45
N GLY D 184 8.24 -13.08 -13.27
CA GLY D 184 8.17 -12.17 -12.15
C GLY D 184 7.08 -12.49 -11.16
N ASP D 185 6.07 -13.25 -11.56
CA ASP D 185 5.03 -13.69 -10.64
C ASP D 185 5.39 -14.98 -9.91
N SER D 186 6.41 -15.70 -10.38
CA SER D 186 6.74 -17.01 -9.83
C SER D 186 7.12 -16.88 -8.36
N GLY D 187 6.74 -17.87 -7.57
CA GLY D 187 6.85 -17.81 -6.13
C GLY D 187 5.66 -17.14 -5.46
N GLY D 188 4.80 -16.47 -6.23
CA GLY D 188 3.71 -15.71 -5.67
C GLY D 188 2.56 -16.60 -5.23
N PRO D 189 1.56 -15.98 -4.61
CA PRO D 189 0.44 -16.75 -4.07
C PRO D 189 -0.57 -17.16 -5.14
N LEU D 190 -1.13 -18.35 -4.96
CA LEU D 190 -2.39 -18.76 -5.59
C LEU D 190 -3.34 -19.08 -4.44
N VAL D 191 -4.37 -18.25 -4.28
CA VAL D 191 -5.22 -18.29 -3.09
C VAL D 191 -6.67 -18.47 -3.50
N THR D 192 -7.46 -18.98 -2.55
CA THR D 192 -8.90 -19.15 -2.72
C THR D 192 -9.59 -18.79 -1.42
N SER D 193 -10.83 -18.34 -1.53
CA SER D 193 -11.64 -17.95 -0.38
C SER D 193 -12.60 -19.08 -0.04
N LYS D 194 -12.55 -19.54 1.20
CA LYS D 194 -13.43 -20.60 1.65
C LYS D 194 -13.78 -20.37 3.11
N ASN D 195 -15.09 -20.31 3.40
CA ASN D 195 -15.59 -20.03 4.75
C ASN D 195 -14.99 -18.74 5.30
N ASN D 196 -14.92 -17.71 4.45
CA ASN D 196 -14.39 -16.39 4.80
C ASN D 196 -12.95 -16.49 5.32
N ILE D 197 -12.17 -17.41 4.75
CA ILE D 197 -10.75 -17.54 5.05
C ILE D 197 -10.00 -17.64 3.73
N TRP D 198 -8.88 -16.93 3.63
CA TRP D 198 -8.02 -17.00 2.45
C TRP D 198 -6.97 -18.09 2.68
N TRP D 199 -6.92 -19.06 1.77
CA TRP D 199 -6.02 -20.19 1.89
C TRP D 199 -4.99 -20.15 0.76
N LEU D 200 -3.74 -20.46 1.10
CA LEU D 200 -2.67 -20.58 0.11
C LEU D 200 -2.68 -21.99 -0.45
N ILE D 201 -3.13 -22.14 -1.70
CA ILE D 201 -3.23 -23.46 -2.31
C ILE D 201 -2.14 -23.70 -3.36
N GLY D 202 -1.39 -22.67 -3.75
CA GLY D 202 -0.36 -22.84 -4.75
C GLY D 202 0.62 -21.69 -4.75
N ASP D 203 1.83 -21.98 -5.20
CA ASP D 203 2.85 -20.97 -5.46
C ASP D 203 3.22 -21.03 -6.94
N THR D 204 3.24 -19.86 -7.59
CA THR D 204 3.44 -19.79 -9.03
C THR D 204 4.79 -20.41 -9.42
N SER D 205 4.74 -21.43 -10.28
CA SER D 205 5.92 -22.22 -10.58
C SER D 205 6.41 -22.09 -12.02
N TRP D 206 5.58 -22.41 -13.01
CA TRP D 206 6.06 -22.45 -14.39
C TRP D 206 4.88 -22.54 -15.35
N GLY D 207 5.20 -22.42 -16.63
CA GLY D 207 4.21 -22.54 -17.68
C GLY D 207 4.85 -22.27 -19.03
N SER D 208 4.15 -22.67 -20.07
CA SER D 208 4.64 -22.50 -21.44
C SER D 208 4.18 -21.14 -21.94
N GLY D 209 5.11 -20.17 -21.94
CA GLY D 209 4.74 -18.82 -22.29
C GLY D 209 3.86 -18.20 -21.21
N CYS D 210 3.07 -17.20 -21.62
CA CYS D 210 2.13 -16.54 -20.74
C CYS D 210 0.82 -16.33 -21.46
N ALA D 211 -0.28 -16.74 -20.82
CA ALA D 211 -1.64 -16.55 -21.30
C ALA D 211 -1.91 -17.23 -22.63
N LYS D 212 -1.09 -18.20 -23.03
CA LYS D 212 -1.31 -18.91 -24.27
C LYS D 212 -2.36 -19.99 -24.07
N ALA D 213 -3.21 -20.17 -25.09
CA ALA D 213 -4.28 -21.17 -25.00
C ALA D 213 -3.70 -22.57 -24.87
N TYR D 214 -4.34 -23.38 -24.03
CA TYR D 214 -3.95 -24.76 -23.75
C TYR D 214 -2.58 -24.85 -23.07
N ARG D 215 -2.08 -23.74 -22.54
CA ARG D 215 -0.86 -23.72 -21.73
C ARG D 215 -1.10 -22.87 -20.49
N PRO D 216 -1.89 -23.37 -19.54
CA PRO D 216 -2.22 -22.58 -18.36
C PRO D 216 -1.05 -22.53 -17.38
N GLY D 217 -1.27 -21.83 -16.27
CA GLY D 217 -0.25 -21.74 -15.24
C GLY D 217 -0.16 -23.02 -14.42
N VAL D 218 1.07 -23.35 -14.02
CA VAL D 218 1.34 -24.50 -13.17
C VAL D 218 1.86 -23.97 -11.84
N TYR D 219 1.28 -24.47 -10.75
CA TYR D 219 1.58 -23.97 -9.41
C TYR D 219 1.96 -25.14 -8.51
N GLY D 220 2.92 -24.90 -7.62
CA GLY D 220 3.29 -25.90 -6.63
C GLY D 220 2.12 -26.23 -5.74
N ASN D 221 1.87 -27.52 -5.53
CA ASN D 221 0.72 -27.97 -4.73
C ASN D 221 1.05 -27.78 -3.27
N VAL D 222 0.64 -26.64 -2.70
CA VAL D 222 1.05 -26.27 -1.35
C VAL D 222 0.51 -27.26 -0.32
N MET D 223 -0.73 -27.72 -0.50
CA MET D 223 -1.30 -28.68 0.44
C MET D 223 -0.44 -29.94 0.53
N VAL D 224 0.16 -30.35 -0.59
CA VAL D 224 1.09 -31.46 -0.59
C VAL D 224 2.33 -31.11 0.24
N PHE D 225 2.71 -29.84 0.26
CA PHE D 225 3.96 -29.40 0.89
C PHE D 225 3.81 -29.07 2.37
N THR D 226 2.59 -29.09 2.92
CA THR D 226 2.38 -28.57 4.27
C THR D 226 3.18 -29.36 5.32
N ASP D 227 3.21 -30.69 5.20
CA ASP D 227 3.97 -31.50 6.16
C ASP D 227 5.43 -31.07 6.19
N TRP D 228 6.04 -30.89 5.03
CA TRP D 228 7.43 -30.47 4.97
C TRP D 228 7.61 -29.04 5.49
N ILE D 229 6.64 -28.16 5.23
CA ILE D 229 6.71 -26.80 5.74
C ILE D 229 6.65 -26.80 7.26
N TYR D 230 5.75 -27.59 7.83
CA TYR D 230 5.65 -27.68 9.28
C TYR D 230 6.92 -28.24 9.90
N ARG D 231 7.50 -29.26 9.26
CA ARG D 231 8.75 -29.82 9.76
C ARG D 231 9.88 -28.80 9.71
N GLN D 232 9.96 -28.03 8.62
CA GLN D 232 11.00 -27.00 8.51
C GLN D 232 10.87 -25.95 9.61
N MET D 233 9.65 -25.46 9.82
CA MET D 233 9.43 -24.41 10.82
C MET D 233 9.71 -24.92 12.23
N ARG D 234 9.27 -26.14 12.53
CA ARG D 234 9.49 -26.72 13.86
C ARG D 234 10.97 -26.91 14.14
N ALA D 235 11.71 -27.44 13.16
CA ALA D 235 13.13 -27.70 13.35
C ALA D 235 13.90 -26.41 13.57
N ASP D 236 13.56 -25.36 12.83
CA ASP D 236 14.20 -24.06 13.03
C ASP D 236 13.94 -23.53 14.44
N GLY D 237 12.73 -23.74 14.96
CA GLY D 237 12.43 -23.31 16.32
C GLY D 237 13.33 -23.95 17.36
N GLU D 238 13.62 -25.24 17.19
CA GLU D 238 14.51 -25.93 18.13
C GLU D 238 15.94 -25.37 18.09
N PHE D 239 16.30 -24.65 17.03
CA PHE D 239 17.61 -24.04 16.94
C PHE D 239 17.66 -22.75 17.75
C1 NAG E . 33.19 32.52 -6.78
C2 NAG E . 32.79 33.94 -7.16
C3 NAG E . 34.05 34.74 -7.49
C4 NAG E . 35.02 34.71 -6.32
C5 NAG E . 35.25 33.28 -5.86
C6 NAG E . 36.01 33.23 -4.56
C7 NAG E . 32.08 33.88 -9.52
C8 NAG E . 31.21 34.67 -10.43
N2 NAG E . 31.81 33.98 -8.22
O3 NAG E . 33.71 36.07 -7.84
O4 NAG E . 36.27 35.27 -6.74
O5 NAG E . 34.00 32.62 -5.62
O6 NAG E . 35.41 34.10 -3.61
O7 NAG E . 32.98 33.15 -9.95
CA CA F . 15.94 42.04 1.62
C2 GBS G . -20.66 24.25 -3.12
C3 GBS G . -19.27 24.31 -3.01
C4 GBS G . -18.67 24.01 -1.81
C6 GBS G . -18.79 23.28 0.63
C1 GBS G . -21.42 23.87 -2.03
N4 GBS G . -20.23 23.16 -5.79
C5 GBS G . -19.43 23.63 -0.71
C18 GBS G . -21.22 24.01 -5.54
O GBS G . -19.41 22.56 1.46
N2 GBS G . -21.34 24.57 -4.33
N3 GBS G . -22.09 24.31 -6.48
C GBS G . -20.80 23.57 -0.84
C1 NAG H . -1.79 -41.11 31.76
C2 NAG H . -2.13 -42.57 31.45
C3 NAG H . -1.33 -43.51 32.35
C4 NAG H . 0.15 -43.15 32.38
C5 NAG H . 0.30 -41.67 32.74
C6 NAG H . 1.74 -41.21 32.72
C7 NAG H . -4.36 -42.99 30.56
C8 NAG H . -3.73 -42.93 29.20
N2 NAG H . -3.55 -42.81 31.59
O3 NAG H . -1.52 -44.84 31.88
O4 NAG H . 0.80 -43.93 33.37
O5 NAG H . -0.40 -40.89 31.76
O6 NAG H . 2.41 -41.71 31.57
O7 NAG H . -5.56 -43.19 30.70
CA CA I . 6.28 -44.74 14.75
C2 GBS J . 4.77 -18.67 -16.32
C3 GBS J . 5.79 -17.74 -16.49
C4 GBS J . 6.58 -17.36 -15.42
C6 GBS J . 7.18 -17.50 -12.94
C1 GBS J . 4.55 -19.21 -15.06
N4 GBS J . 2.01 -19.89 -18.37
C5 GBS J . 6.37 -17.91 -14.17
C18 GBS J . 2.60 -19.25 -17.38
O GBS J . 7.75 -16.37 -12.91
N2 GBS J . 3.94 -19.08 -17.40
N3 GBS J . 1.89 -18.78 -16.36
C GBS J . 5.35 -18.82 -14.01
C1 GOL K . -1.74 -5.94 -1.18
O1 GOL K . -2.87 -5.49 -1.93
C2 GOL K . -0.97 -4.78 -0.56
O2 GOL K . -0.90 -4.93 0.85
C3 GOL K . 0.41 -4.61 -1.14
O3 GOL K . 1.12 -5.85 -1.22
#